data_4XVI
#
_entry.id   4XVI
#
_cell.length_a   292.665
_cell.length_b   292.665
_cell.length_c   110.497
_cell.angle_alpha   90.000
_cell.angle_beta   90.000
_cell.angle_gamma   120.000
#
_symmetry.space_group_name_H-M   'H 3 2'
#
loop_
_entity.id
_entity.type
_entity.pdbx_description
1 polymer 'DNA polymerase nu'
2 polymer "DNA (5'-D(*AP*CP*TP*CP*TP*GP*AP*CP*GP*CP*TP*AP*GP*G)-3')"
3 polymer "DNA (5'-D(*CP*CP*TP*AP*GP*CP*GP*TP*CP*AP*G)-3')"
#
loop_
_entity_poly.entity_id
_entity_poly.type
_entity_poly.pdbx_seq_one_letter_code
_entity_poly.pdbx_strand_id
1 'polypeptide(L)'
;KKHFCDIRHLDDWAKSQLIEMLKQAAALVITVMYTDGSTQLGADQTPVSSVRGIVVLVKRQAEGGHGCPDAPACGPVLEG
FVSDDPCIYIQIEHSAIWDQEQEAHQQFARNVLFQTMKCKCPVICFNAKDFVRIVLQFFGNDGSWKHVADFIGLDPRIAA
WLIDPSDATPSFEDLVEKYCEKSITVKVNSTYGNSSRNIVNQNVRENLKTLYRLTMDLCSKLKDYGLWQLFRTLELPLIP
ILAVMESHAIQVNKEEMEKTSALLGARLKELEQEAHFVAGERFLITSNNQLREILFGKLKLHLLSQRNSLPRTGLQKYPS
TSEAVLNALRDLHPLPKIILEYRQVHKIKSTFVDGLLACMKKGSISSTWNQTGTVTGRLSAKHPNIQGISKHPIQITTPK
NFKGKEDKILTISPRAMFVSSKGHTFLAADFSQIELRILTHLSGDPELLKLFQESERDDVFSTLTSQWKDVPVEQVTHAD
REQTKKVVYAVVYGAGKERLAACLGVPIQEAAQFLESFLQKYKKIKDFARAAIAQCHQTGCVVSIMGRRRPLPRIHAHDQ
QLRAQAERQAVNFVVQGSAADLCKLAMIHVFTAVAASHTLTARLVAQIHDELLFEVEDPQIPECAALVRRTMESLEQVQA
LELQLQVPLKVSLSAGRSWGHLVPLQ
;
A
2 'polydeoxyribonucleotide' (DA)(DC)(DT)(DC)(DT)(DG)(DA)(DC)(DG)(DC)(DT)(DA)(DG)(DG) P
3 'polydeoxyribonucleotide' (DC)(DC)(DT)(DA)(DG)(DC)(DG)(DT)(DC)(DA)(DG) T
#
loop_
_chem_comp.id
_chem_comp.type
_chem_comp.name
_chem_comp.formula
DA DNA linking 2'-DEOXYADENOSINE-5'-MONOPHOSPHATE 'C10 H14 N5 O6 P'
DC DNA linking 2'-DEOXYCYTIDINE-5'-MONOPHOSPHATE 'C9 H14 N3 O7 P'
DG DNA linking 2'-DEOXYGUANOSINE-5'-MONOPHOSPHATE 'C10 H14 N5 O7 P'
DT DNA linking THYMIDINE-5'-MONOPHOSPHATE 'C10 H15 N2 O8 P'
#
# COMPACT_ATOMS: atom_id res chain seq x y z
N LYS A 1 -29.47 -28.35 2.06
CA LYS A 1 -30.17 -29.60 2.33
C LYS A 1 -29.34 -30.45 3.29
N LYS A 2 -28.72 -31.50 2.76
CA LYS A 2 -27.74 -32.27 3.51
C LYS A 2 -26.35 -31.75 3.14
N HIS A 3 -26.33 -30.76 2.26
CA HIS A 3 -25.08 -30.18 1.79
C HIS A 3 -24.66 -28.98 2.64
N PHE A 4 -25.55 -28.53 3.52
CA PHE A 4 -25.26 -27.42 4.40
C PHE A 4 -25.33 -27.73 5.85
N CYS A 5 -24.21 -27.63 6.56
CA CYS A 5 -24.23 -27.95 8.01
C CYS A 5 -23.77 -26.84 8.97
N ASP A 6 -24.54 -26.65 10.04
CA ASP A 6 -24.15 -25.83 11.19
C ASP A 6 -23.34 -26.78 12.06
N ILE A 7 -22.07 -26.48 12.26
CA ILE A 7 -21.17 -27.37 13.00
C ILE A 7 -21.47 -27.44 14.49
N ARG A 8 -22.28 -26.51 14.98
CA ARG A 8 -22.68 -26.51 16.38
C ARG A 8 -23.63 -27.65 16.67
N HIS A 9 -24.37 -28.05 15.67
CA HIS A 9 -25.40 -29.02 15.84
C HIS A 9 -25.02 -30.41 15.43
N LEU A 10 -23.79 -30.59 15.02
CA LEU A 10 -23.24 -31.90 14.73
C LEU A 10 -23.10 -32.73 16.00
N ASP A 11 -23.33 -34.04 15.89
CA ASP A 11 -22.99 -34.94 16.98
C ASP A 11 -21.47 -34.97 17.10
N ASP A 12 -20.96 -35.29 18.29
CA ASP A 12 -19.53 -35.17 18.56
C ASP A 12 -18.67 -36.09 17.70
N TRP A 13 -19.15 -37.31 17.44
CA TRP A 13 -18.45 -38.23 16.54
C TRP A 13 -18.37 -37.62 15.14
N ALA A 14 -19.45 -36.94 14.76
CA ALA A 14 -19.49 -36.24 13.49
C ALA A 14 -18.56 -35.04 13.49
N LYS A 15 -18.36 -34.43 14.66
CA LYS A 15 -17.41 -33.33 14.79
C LYS A 15 -16.00 -33.83 14.51
N SER A 16 -15.64 -34.93 15.16
CA SER A 16 -14.34 -35.56 14.95
C SER A 16 -14.14 -35.92 13.47
N GLN A 17 -15.14 -36.58 12.90
CA GLN A 17 -15.11 -36.93 11.49
C GLN A 17 -14.93 -35.70 10.61
N LEU A 18 -15.54 -34.59 11.00
CA LEU A 18 -15.43 -33.33 10.26
C LEU A 18 -14.00 -32.80 10.29
N ILE A 19 -13.39 -32.79 11.48
CA ILE A 19 -12.00 -32.40 11.61
C ILE A 19 -11.12 -33.25 10.69
N GLU A 20 -11.36 -34.55 10.71
CA GLU A 20 -10.60 -35.46 9.85
C GLU A 20 -10.80 -35.15 8.36
N MET A 21 -12.02 -34.78 8.00
CA MET A 21 -12.33 -34.39 6.63
C MET A 21 -11.55 -33.14 6.22
N LEU A 22 -11.49 -32.18 7.14
CA LEU A 22 -10.76 -30.95 6.87
C LEU A 22 -9.27 -31.22 6.70
N LYS A 23 -8.75 -32.17 7.47
CA LYS A 23 -7.36 -32.59 7.30
C LYS A 23 -7.14 -33.29 5.95
N GLN A 24 -8.06 -34.14 5.54
CA GLN A 24 -7.86 -34.89 4.33
C GLN A 24 -8.48 -34.29 3.09
N ALA A 25 -9.00 -33.09 3.18
CA ALA A 25 -9.66 -32.43 2.06
C ALA A 25 -8.73 -32.17 0.88
N ALA A 26 -9.30 -32.20 -0.33
CA ALA A 26 -8.55 -31.86 -1.54
C ALA A 26 -8.45 -30.36 -1.71
N ALA A 27 -9.56 -29.66 -1.44
CA ALA A 27 -9.57 -28.21 -1.50
C ALA A 27 -10.63 -27.63 -0.56
N LEU A 28 -10.35 -26.45 -0.03
CA LEU A 28 -11.34 -25.73 0.77
C LEU A 28 -11.76 -24.45 0.05
N VAL A 29 -13.06 -24.23 -0.07
CA VAL A 29 -13.56 -23.00 -0.71
C VAL A 29 -14.38 -22.20 0.31
N ILE A 30 -13.92 -20.98 0.57
CA ILE A 30 -14.44 -20.17 1.67
C ILE A 30 -15.02 -18.83 1.24
N THR A 31 -16.17 -18.47 1.82
CA THR A 31 -16.69 -17.11 1.70
C THR A 31 -17.24 -16.66 3.04
N VAL A 32 -17.29 -15.35 3.24
CA VAL A 32 -17.84 -14.80 4.49
C VAL A 32 -19.28 -14.39 4.27
N MET A 33 -20.18 -14.87 5.13
CA MET A 33 -21.59 -14.52 5.04
C MET A 33 -21.95 -13.44 6.04
N TYR A 34 -22.61 -12.40 5.58
CA TYR A 34 -23.04 -11.32 6.46
C TYR A 34 -24.46 -11.56 6.92
N THR A 35 -25.03 -10.63 7.67
CA THR A 35 -26.34 -10.84 8.27
C THR A 35 -27.51 -10.72 7.28
N ASP A 36 -27.21 -10.32 6.05
CA ASP A 36 -28.24 -10.07 5.04
C ASP A 36 -29.12 -11.26 4.57
N GLY A 37 -28.59 -12.48 4.46
CA GLY A 37 -27.18 -12.77 4.35
C GLY A 37 -26.63 -12.45 2.97
N SER A 38 -25.60 -11.60 2.92
CA SER A 38 -24.89 -11.38 1.69
C SER A 38 -23.55 -12.08 1.82
N THR A 39 -22.74 -12.03 0.76
CA THR A 39 -21.44 -12.68 0.79
C THR A 39 -20.37 -11.78 0.18
N GLN A 40 -19.11 -12.18 0.33
CA GLN A 40 -18.00 -11.47 -0.31
C GLN A 40 -18.09 -11.57 -1.83
N LEU A 41 -19.02 -12.39 -2.31
CA LEU A 41 -19.13 -12.71 -3.73
C LEU A 41 -19.92 -11.65 -4.50
N GLY A 42 -20.31 -10.58 -3.80
CA GLY A 42 -20.83 -9.41 -4.46
C GLY A 42 -22.33 -9.27 -4.43
N ALA A 43 -22.85 -8.22 -5.06
CA ALA A 43 -22.01 -7.26 -5.78
C ALA A 43 -21.63 -6.08 -4.90
N ASP A 44 -22.09 -6.10 -3.66
CA ASP A 44 -21.76 -5.03 -2.71
C ASP A 44 -20.29 -5.12 -2.34
N GLN A 45 -19.55 -4.04 -2.56
CA GLN A 45 -18.12 -4.04 -2.32
C GLN A 45 -17.79 -3.91 -0.84
N THR A 46 -18.50 -3.00 -0.17
CA THR A 46 -18.40 -2.88 1.29
C THR A 46 -19.74 -3.21 1.92
N PRO A 47 -19.80 -4.31 2.69
CA PRO A 47 -21.03 -4.67 3.40
C PRO A 47 -21.42 -3.61 4.42
N VAL A 48 -22.67 -3.17 4.40
CA VAL A 48 -23.14 -2.17 5.36
C VAL A 48 -23.52 -2.87 6.66
N SER A 49 -23.69 -4.19 6.59
CA SER A 49 -23.98 -4.99 7.76
C SER A 49 -22.72 -5.71 8.22
N SER A 50 -22.83 -6.45 9.32
CA SER A 50 -21.67 -7.09 9.91
C SER A 50 -21.58 -8.60 9.62
N VAL A 51 -20.51 -9.22 10.09
CA VAL A 51 -20.26 -10.63 9.81
C VAL A 51 -21.16 -11.54 10.63
N ARG A 52 -21.81 -12.48 9.94
CA ARG A 52 -22.65 -13.48 10.59
C ARG A 52 -21.87 -14.75 10.83
N GLY A 53 -21.32 -15.31 9.75
CA GLY A 53 -20.50 -16.51 9.85
C GLY A 53 -19.66 -16.77 8.63
N ILE A 54 -18.93 -17.88 8.66
CA ILE A 54 -18.07 -18.28 7.56
C ILE A 54 -18.56 -19.60 6.96
N VAL A 55 -18.71 -19.65 5.64
CA VAL A 55 -19.11 -20.87 4.95
C VAL A 55 -17.89 -21.50 4.28
N VAL A 56 -17.68 -22.80 4.50
CA VAL A 56 -16.56 -23.52 3.92
C VAL A 56 -17.02 -24.74 3.13
N LEU A 57 -16.76 -24.72 1.82
CA LEU A 57 -17.04 -25.88 0.97
C LEU A 57 -15.85 -26.82 1.05
N VAL A 58 -16.08 -28.05 1.48
CA VAL A 58 -15.00 -29.02 1.61
C VAL A 58 -15.01 -29.97 0.42
N LYS A 59 -14.03 -29.81 -0.47
CA LYS A 59 -13.95 -30.63 -1.67
C LYS A 59 -13.05 -31.83 -1.35
N ARG A 60 -13.61 -33.03 -1.51
CA ARG A 60 -12.86 -34.25 -1.25
C ARG A 60 -12.03 -34.70 -2.47
N GLN A 61 -12.29 -34.04 -3.60
CA GLN A 61 -11.53 -34.26 -4.82
C GLN A 61 -11.39 -32.96 -5.58
N ALA A 62 -10.18 -32.68 -6.07
CA ALA A 62 -9.91 -31.43 -6.77
C ALA A 62 -9.82 -31.61 -8.28
N GLU A 63 -10.69 -30.90 -9.00
CA GLU A 63 -10.72 -30.94 -10.47
C GLU A 63 -9.37 -30.59 -11.07
N GLY A 64 -8.77 -29.51 -10.59
CA GLY A 64 -7.47 -29.08 -11.08
C GLY A 64 -7.47 -27.63 -11.54
N CYS A 74 -9.60 -41.08 -4.85
CA CYS A 74 -10.62 -41.77 -5.62
C CYS A 74 -11.46 -42.69 -4.75
N GLY A 75 -12.45 -43.34 -5.36
CA GLY A 75 -13.35 -44.22 -4.64
C GLY A 75 -14.44 -43.45 -3.94
N PRO A 76 -15.58 -44.11 -3.66
CA PRO A 76 -16.69 -43.47 -2.96
C PRO A 76 -16.39 -43.33 -1.47
N VAL A 77 -17.06 -42.38 -0.82
CA VAL A 77 -17.03 -42.31 0.63
C VAL A 77 -18.41 -41.92 1.16
N LEU A 78 -18.90 -42.69 2.14
CA LEU A 78 -20.16 -42.35 2.78
C LEU A 78 -19.85 -41.95 4.23
N GLU A 79 -19.94 -40.66 4.50
CA GLU A 79 -19.72 -40.15 5.85
C GLU A 79 -20.99 -40.31 6.68
N GLY A 80 -22.12 -40.05 6.05
CA GLY A 80 -23.42 -40.32 6.63
C GLY A 80 -24.01 -39.17 7.43
N PHE A 81 -23.16 -38.33 7.99
CA PHE A 81 -23.70 -37.15 8.64
C PHE A 81 -23.74 -35.99 7.67
N VAL A 82 -23.15 -36.19 6.50
CA VAL A 82 -23.03 -35.15 5.49
C VAL A 82 -23.03 -35.76 4.12
N SER A 83 -23.37 -34.97 3.11
CA SER A 83 -23.29 -35.42 1.73
C SER A 83 -21.97 -35.06 1.09
N ASP A 84 -21.85 -35.31 -0.22
CA ASP A 84 -20.70 -34.92 -1.00
C ASP A 84 -21.11 -33.85 -1.98
N ASP A 85 -20.42 -32.70 -2.02
CA ASP A 85 -19.37 -32.27 -1.14
C ASP A 85 -20.00 -31.25 -0.28
N PRO A 86 -19.85 -31.36 1.04
CA PRO A 86 -20.66 -30.57 1.98
C PRO A 86 -20.13 -29.16 2.28
N CYS A 87 -21.06 -28.24 2.53
CA CYS A 87 -20.74 -26.90 3.00
C CYS A 87 -20.98 -26.81 4.50
N ILE A 88 -19.95 -26.43 5.24
CA ILE A 88 -20.09 -26.25 6.68
C ILE A 88 -20.19 -24.77 7.04
N TYR A 89 -20.98 -24.47 8.05
CA TYR A 89 -21.20 -23.10 8.48
C TYR A 89 -20.69 -22.86 9.90
N ILE A 90 -19.92 -21.80 10.08
CA ILE A 90 -19.32 -21.48 11.37
C ILE A 90 -19.77 -20.10 11.85
N GLN A 91 -20.44 -20.04 13.00
CA GLN A 91 -20.99 -18.78 13.48
C GLN A 91 -19.92 -17.89 14.10
N ILE A 92 -19.70 -16.74 13.47
CA ILE A 92 -18.85 -15.70 14.06
C ILE A 92 -19.62 -14.80 15.04
N GLU A 93 -20.83 -14.41 14.65
CA GLU A 93 -21.60 -13.40 15.36
C GLU A 93 -21.91 -13.79 16.81
N HIS A 94 -21.77 -12.83 17.71
CA HIS A 94 -22.07 -13.05 19.12
C HIS A 94 -23.57 -13.17 19.34
N SER A 95 -23.97 -13.86 20.40
CA SER A 95 -25.37 -13.99 20.77
C SER A 95 -25.75 -12.90 21.75
N ALA A 96 -27.02 -12.86 22.16
CA ALA A 96 -27.49 -11.82 23.06
C ALA A 96 -26.94 -12.00 24.46
N ILE A 97 -26.86 -13.26 24.91
CA ILE A 97 -26.38 -13.57 26.25
C ILE A 97 -25.16 -14.48 26.17
N TRP A 98 -24.11 -14.15 26.93
CA TRP A 98 -22.95 -15.03 27.02
C TRP A 98 -23.08 -16.03 28.15
N ASP A 99 -22.75 -17.29 27.87
CA ASP A 99 -22.77 -18.36 28.87
C ASP A 99 -21.81 -19.48 28.50
N GLN A 100 -21.87 -20.60 29.22
CA GLN A 100 -20.93 -21.70 29.03
C GLN A 100 -21.06 -22.40 27.68
N GLU A 101 -22.29 -22.53 27.21
CA GLU A 101 -22.56 -23.20 25.93
C GLU A 101 -21.92 -22.43 24.79
N GLN A 102 -21.98 -21.10 24.88
CA GLN A 102 -21.34 -20.24 23.90
C GLN A 102 -19.83 -20.43 23.93
N GLU A 103 -19.29 -20.63 25.13
CA GLU A 103 -17.87 -20.92 25.29
C GLU A 103 -17.52 -22.21 24.54
N ALA A 104 -18.31 -23.26 24.76
CA ALA A 104 -18.10 -24.53 24.07
C ALA A 104 -18.11 -24.40 22.54
N HIS A 105 -19.21 -23.82 22.04
CA HIS A 105 -19.36 -23.56 20.62
C HIS A 105 -18.14 -22.82 20.07
N GLN A 106 -17.71 -21.80 20.80
CA GLN A 106 -16.54 -21.01 20.42
C GLN A 106 -15.30 -21.87 20.34
N GLN A 107 -15.15 -22.79 21.30
CA GLN A 107 -14.00 -23.69 21.32
C GLN A 107 -13.93 -24.54 20.06
N PHE A 108 -15.02 -25.24 19.75
CA PHE A 108 -15.02 -26.08 18.55
C PHE A 108 -14.82 -25.25 17.28
N ALA A 109 -15.45 -24.07 17.24
CA ALA A 109 -15.32 -23.18 16.11
C ALA A 109 -13.86 -22.76 15.86
N ARG A 110 -13.18 -22.40 16.94
CA ARG A 110 -11.77 -22.03 16.87
C ARG A 110 -10.92 -23.20 16.39
N ASN A 111 -11.23 -24.39 16.89
CA ASN A 111 -10.53 -25.59 16.41
C ASN A 111 -10.67 -25.75 14.90
N VAL A 112 -11.92 -25.69 14.42
CA VAL A 112 -12.21 -25.83 13.00
C VAL A 112 -11.50 -24.79 12.15
N LEU A 113 -11.65 -23.52 12.52
CA LEU A 113 -11.02 -22.42 11.79
C LEU A 113 -9.49 -22.54 11.77
N PHE A 114 -8.91 -23.01 12.87
CA PHE A 114 -7.47 -23.24 12.89
C PHE A 114 -7.09 -24.36 11.93
N GLN A 115 -7.93 -25.40 11.86
CA GLN A 115 -7.73 -26.46 10.89
C GLN A 115 -7.74 -25.88 9.48
N THR A 116 -8.61 -24.89 9.27
CA THR A 116 -8.66 -24.19 7.99
C THR A 116 -7.35 -23.43 7.72
N MET A 117 -6.81 -22.81 8.76
CA MET A 117 -5.56 -22.06 8.64
C MET A 117 -4.35 -22.94 8.32
N LYS A 118 -4.23 -24.07 8.99
CA LYS A 118 -3.03 -24.90 8.87
C LYS A 118 -3.10 -26.06 7.87
N CYS A 119 -4.21 -26.18 7.14
CA CYS A 119 -4.40 -27.32 6.26
C CYS A 119 -3.42 -27.35 5.10
N LYS A 120 -3.19 -28.53 4.55
CA LYS A 120 -2.17 -28.73 3.53
C LYS A 120 -2.71 -28.65 2.11
N CYS A 121 -4.01 -28.42 1.98
CA CYS A 121 -4.64 -28.35 0.68
C CYS A 121 -4.78 -26.90 0.22
N PRO A 122 -5.23 -26.67 -1.03
CA PRO A 122 -5.48 -25.29 -1.44
C PRO A 122 -6.69 -24.69 -0.72
N VAL A 123 -6.53 -23.45 -0.26
CA VAL A 123 -7.65 -22.70 0.29
C VAL A 123 -7.96 -21.53 -0.64
N ILE A 124 -9.18 -21.51 -1.17
CA ILE A 124 -9.62 -20.46 -2.06
C ILE A 124 -10.60 -19.54 -1.34
N CYS A 125 -10.27 -18.26 -1.24
CA CYS A 125 -11.16 -17.26 -0.68
C CYS A 125 -11.18 -16.04 -1.60
N PHE A 126 -12.35 -15.44 -1.81
CA PHE A 126 -12.43 -14.31 -2.73
C PHE A 126 -11.68 -13.10 -2.22
N ASN A 127 -12.00 -12.64 -1.01
CA ASN A 127 -11.14 -11.68 -0.34
C ASN A 127 -10.52 -12.34 0.87
N ALA A 128 -9.24 -12.65 0.76
CA ALA A 128 -8.57 -13.49 1.75
C ALA A 128 -8.21 -12.70 3.00
N LYS A 129 -7.79 -11.45 2.82
CA LYS A 129 -7.40 -10.60 3.94
C LYS A 129 -8.56 -10.37 4.91
N ASP A 130 -9.76 -10.16 4.36
CA ASP A 130 -10.94 -9.97 5.19
C ASP A 130 -11.20 -11.21 6.05
N PHE A 131 -11.22 -12.36 5.39
CA PHE A 131 -11.42 -13.64 6.07
C PHE A 131 -10.39 -13.89 7.16
N VAL A 132 -9.12 -13.70 6.83
CA VAL A 132 -8.04 -13.87 7.79
C VAL A 132 -8.17 -12.92 8.98
N ARG A 133 -8.59 -11.69 8.71
CA ARG A 133 -8.78 -10.71 9.78
C ARG A 133 -9.92 -11.13 10.70
N ILE A 134 -11.04 -11.56 10.11
CA ILE A 134 -12.18 -12.04 10.87
C ILE A 134 -11.80 -13.21 11.76
N VAL A 135 -11.07 -14.19 11.19
CA VAL A 135 -10.58 -15.32 11.95
C VAL A 135 -9.65 -14.87 13.09
N LEU A 136 -8.80 -13.90 12.79
CA LEU A 136 -7.81 -13.40 13.74
C LEU A 136 -8.50 -12.76 14.94
N GLN A 137 -9.53 -11.99 14.70
CA GLN A 137 -10.31 -11.43 15.77
C GLN A 137 -11.14 -12.47 16.47
N PHE A 138 -11.55 -13.51 15.77
CA PHE A 138 -12.33 -14.60 16.38
C PHE A 138 -11.52 -15.42 17.37
N PHE A 139 -10.26 -15.71 17.02
CA PHE A 139 -9.37 -16.43 17.91
C PHE A 139 -9.24 -15.69 19.23
N GLY A 140 -8.98 -14.40 19.14
CA GLY A 140 -8.85 -13.62 20.35
C GLY A 140 -7.71 -14.14 21.18
N ASN A 141 -8.05 -14.53 22.40
CA ASN A 141 -7.08 -14.95 23.39
C ASN A 141 -6.34 -16.17 22.94
N ASP A 142 -7.06 -17.10 22.36
CA ASP A 142 -6.53 -18.41 22.11
C ASP A 142 -5.34 -18.34 21.20
N GLY A 143 -5.37 -17.42 20.25
CA GLY A 143 -4.34 -17.34 19.24
C GLY A 143 -3.68 -15.99 19.09
N SER A 144 -2.50 -15.99 18.50
CA SER A 144 -1.80 -14.75 18.19
C SER A 144 -1.68 -14.63 16.67
N TRP A 145 -1.00 -13.60 16.21
CA TRP A 145 -0.82 -13.38 14.78
C TRP A 145 0.09 -14.43 14.13
N LYS A 146 0.87 -15.13 14.96
CA LYS A 146 1.81 -16.13 14.45
C LYS A 146 1.11 -17.39 13.97
N HIS A 147 -0.15 -17.57 14.37
CA HIS A 147 -0.94 -18.71 13.95
C HIS A 147 -1.25 -18.65 12.46
N VAL A 148 -1.51 -17.44 11.96
CA VAL A 148 -1.94 -17.26 10.58
C VAL A 148 -0.80 -16.92 9.61
N ALA A 149 0.41 -16.81 10.13
CA ALA A 149 1.57 -16.37 9.34
C ALA A 149 1.82 -17.22 8.11
N ASP A 150 1.52 -18.51 8.20
CA ASP A 150 1.81 -19.45 7.11
C ASP A 150 0.61 -19.68 6.19
N PHE A 151 -0.51 -19.03 6.49
CA PHE A 151 -1.72 -19.20 5.68
C PHE A 151 -1.52 -18.69 4.26
N ILE A 152 -1.91 -19.50 3.28
CA ILE A 152 -1.89 -19.07 1.90
C ILE A 152 -3.26 -19.33 1.29
N GLY A 153 -3.99 -18.26 1.03
CA GLY A 153 -5.25 -18.37 0.32
C GLY A 153 -5.03 -18.11 -1.14
N LEU A 154 -5.88 -18.68 -2.00
CA LEU A 154 -5.82 -18.34 -3.41
C LEU A 154 -6.86 -17.27 -3.66
N ASP A 155 -6.40 -16.06 -3.94
CA ASP A 155 -7.30 -14.92 -4.10
C ASP A 155 -7.37 -14.57 -5.58
N PRO A 156 -8.51 -14.88 -6.21
CA PRO A 156 -8.72 -14.63 -7.64
C PRO A 156 -8.61 -13.15 -8.00
N ARG A 157 -9.04 -12.28 -7.08
CA ARG A 157 -8.95 -10.83 -7.29
C ARG A 157 -7.50 -10.37 -7.47
N ILE A 158 -6.61 -10.91 -6.64
CA ILE A 158 -5.19 -10.57 -6.72
C ILE A 158 -4.57 -11.07 -8.04
N ALA A 159 -4.99 -12.26 -8.48
CA ALA A 159 -4.55 -12.80 -9.75
C ALA A 159 -4.97 -11.90 -10.90
N ALA A 160 -6.27 -11.60 -10.93
CA ALA A 160 -6.83 -10.72 -11.95
C ALA A 160 -6.21 -9.33 -11.89
N TRP A 161 -5.67 -8.96 -10.73
CA TRP A 161 -4.97 -7.69 -10.57
C TRP A 161 -3.58 -7.78 -11.18
N LEU A 162 -2.90 -8.90 -10.96
CA LEU A 162 -1.58 -9.12 -11.54
C LEU A 162 -1.66 -9.13 -13.06
N ILE A 163 -2.76 -9.68 -13.59
CA ILE A 163 -2.99 -9.69 -15.03
C ILE A 163 -3.30 -8.29 -15.58
N ASP A 164 -4.27 -7.62 -14.97
CA ASP A 164 -4.68 -6.28 -15.42
C ASP A 164 -4.74 -5.31 -14.25
N PRO A 165 -3.58 -4.72 -13.90
CA PRO A 165 -3.42 -3.84 -12.74
C PRO A 165 -4.25 -2.55 -12.78
N SER A 166 -4.74 -2.18 -13.96
CA SER A 166 -5.51 -0.94 -14.10
C SER A 166 -6.79 -0.90 -13.28
N ASP A 167 -7.53 -2.01 -13.26
CA ASP A 167 -8.75 -2.10 -12.47
C ASP A 167 -8.47 -2.73 -11.10
N ALA A 168 -8.62 -1.95 -10.05
CA ALA A 168 -8.30 -2.37 -8.69
C ALA A 168 -9.36 -3.24 -8.05
N THR A 169 -10.63 -2.93 -8.29
CA THR A 169 -11.73 -3.58 -7.58
C THR A 169 -12.82 -4.17 -8.47
N PRO A 170 -12.52 -5.28 -9.17
CA PRO A 170 -13.58 -5.98 -9.90
C PRO A 170 -14.42 -6.82 -8.94
N SER A 171 -15.70 -7.03 -9.26
CA SER A 171 -16.53 -7.88 -8.42
C SER A 171 -16.34 -9.33 -8.83
N PHE A 172 -17.00 -10.25 -8.13
CA PHE A 172 -16.88 -11.68 -8.40
C PHE A 172 -17.59 -12.03 -9.70
N GLU A 173 -18.76 -11.43 -9.91
CA GLU A 173 -19.54 -11.66 -11.12
C GLU A 173 -18.77 -11.17 -12.34
N ASP A 174 -18.05 -10.07 -12.17
CA ASP A 174 -17.14 -9.55 -13.20
C ASP A 174 -16.12 -10.61 -13.60
N LEU A 175 -15.30 -11.02 -12.63
CA LEU A 175 -14.27 -12.03 -12.84
C LEU A 175 -14.82 -13.30 -13.49
N VAL A 176 -16.01 -13.71 -13.11
CA VAL A 176 -16.56 -14.90 -13.68
C VAL A 176 -16.79 -14.68 -15.15
N GLU A 177 -17.36 -13.54 -15.51
CA GLU A 177 -17.64 -13.25 -16.90
C GLU A 177 -16.39 -13.16 -17.70
N LYS A 178 -15.39 -12.49 -17.16
CA LYS A 178 -14.16 -12.32 -17.86
C LYS A 178 -13.27 -13.52 -18.03
N TYR A 179 -12.99 -14.25 -16.96
CA TYR A 179 -11.96 -15.28 -17.02
C TYR A 179 -12.49 -16.65 -16.93
N CYS A 180 -13.78 -16.77 -16.83
CA CYS A 180 -14.38 -18.09 -16.78
C CYS A 180 -14.96 -18.49 -18.14
N GLU A 181 -14.49 -19.63 -18.64
CA GLU A 181 -14.95 -20.14 -19.94
C GLU A 181 -15.81 -21.38 -19.75
N LYS A 182 -17.12 -21.28 -20.01
CA LYS A 182 -17.80 -20.03 -20.34
C LYS A 182 -19.25 -20.20 -19.93
N SER A 183 -20.08 -19.21 -20.26
CA SER A 183 -21.54 -19.32 -20.15
C SER A 183 -22.03 -19.66 -18.75
N ILE A 184 -21.28 -19.27 -17.73
CA ILE A 184 -21.70 -19.52 -16.35
C ILE A 184 -22.46 -18.32 -15.79
N THR A 185 -23.68 -18.58 -15.32
CA THR A 185 -24.46 -17.54 -14.67
C THR A 185 -24.39 -17.74 -13.16
N VAL A 186 -24.27 -16.64 -12.41
CA VAL A 186 -24.27 -16.71 -10.96
C VAL A 186 -25.32 -15.78 -10.39
N LYS A 187 -25.99 -16.20 -9.32
CA LYS A 187 -26.83 -15.25 -8.61
C LYS A 187 -26.17 -14.98 -7.26
N VAL A 188 -25.53 -13.82 -7.16
CA VAL A 188 -24.82 -13.44 -5.96
C VAL A 188 -25.58 -12.47 -5.07
N ASN A 189 -26.74 -12.00 -5.54
CA ASN A 189 -27.43 -10.88 -4.89
C ASN A 189 -28.56 -11.25 -3.92
N SER A 190 -28.84 -12.54 -3.79
CA SER A 190 -29.93 -12.97 -2.91
C SER A 190 -29.63 -12.73 -1.43
N THR A 191 -30.61 -12.19 -0.72
CA THR A 191 -30.50 -11.93 0.72
C THR A 191 -31.78 -12.41 1.41
N TYR A 192 -31.74 -12.48 2.74
CA TYR A 192 -32.97 -12.69 3.48
C TYR A 192 -33.82 -11.44 3.25
N GLY A 193 -35.07 -11.63 2.85
CA GLY A 193 -35.98 -10.52 2.63
C GLY A 193 -36.24 -10.15 1.17
N ASN A 194 -35.29 -10.45 0.29
CA ASN A 194 -35.63 -10.53 -1.13
C ASN A 194 -35.81 -11.99 -1.56
N SER A 195 -35.55 -12.89 -0.61
CA SER A 195 -35.64 -14.33 -0.83
C SER A 195 -35.44 -15.09 0.48
N SER A 196 -35.65 -16.40 0.44
CA SER A 196 -35.55 -17.22 1.64
C SER A 196 -34.11 -17.54 2.02
N ARG A 197 -33.93 -18.35 3.03
CA ARG A 197 -32.64 -18.84 3.41
C ARG A 197 -32.23 -19.77 2.35
N ASN A 198 -33.04 -20.78 2.19
CA ASN A 198 -32.73 -21.91 1.32
C ASN A 198 -32.15 -21.39 0.00
N ILE A 199 -32.73 -20.30 -0.52
CA ILE A 199 -32.23 -19.70 -1.75
C ILE A 199 -30.82 -19.13 -1.55
N VAL A 200 -30.66 -18.33 -0.51
CA VAL A 200 -29.37 -17.77 -0.14
C VAL A 200 -28.31 -18.85 0.00
N ASN A 201 -28.62 -19.89 0.78
CA ASN A 201 -27.69 -20.98 1.01
C ASN A 201 -27.33 -21.78 -0.25
N GLN A 202 -28.35 -22.18 -1.01
CA GLN A 202 -28.15 -22.93 -2.25
C GLN A 202 -27.24 -22.15 -3.21
N ASN A 203 -27.58 -20.88 -3.39
CA ASN A 203 -26.77 -19.99 -4.22
C ASN A 203 -25.35 -19.83 -3.68
N VAL A 204 -25.19 -19.84 -2.36
CA VAL A 204 -23.86 -19.78 -1.75
C VAL A 204 -23.02 -21.00 -2.13
N ARG A 205 -23.62 -22.18 -2.04
CA ARG A 205 -22.94 -23.41 -2.43
C ARG A 205 -22.52 -23.39 -3.91
N GLU A 206 -23.49 -23.13 -4.78
CA GLU A 206 -23.23 -23.06 -6.21
C GLU A 206 -22.12 -22.05 -6.54
N ASN A 207 -22.24 -20.85 -5.98
CA ASN A 207 -21.26 -19.81 -6.20
C ASN A 207 -19.88 -20.14 -5.63
N LEU A 208 -19.83 -21.00 -4.62
CA LEU A 208 -18.55 -21.46 -4.09
C LEU A 208 -17.88 -22.41 -5.07
N LYS A 209 -18.66 -23.33 -5.62
CA LYS A 209 -18.13 -24.20 -6.69
C LYS A 209 -17.59 -23.36 -7.86
N THR A 210 -18.42 -22.42 -8.33
CA THR A 210 -18.01 -21.52 -9.39
C THR A 210 -16.74 -20.75 -9.03
N LEU A 211 -16.64 -20.34 -7.77
CA LEU A 211 -15.46 -19.64 -7.27
C LEU A 211 -14.22 -20.51 -7.43
N TYR A 212 -14.35 -21.79 -7.10
CA TYR A 212 -13.24 -22.72 -7.29
C TYR A 212 -12.83 -22.76 -8.76
N ARG A 213 -13.80 -22.96 -9.63
CA ARG A 213 -13.55 -22.99 -11.08
C ARG A 213 -12.78 -21.76 -11.55
N LEU A 214 -13.33 -20.59 -11.24
CA LEU A 214 -12.73 -19.30 -11.58
C LEU A 214 -11.29 -19.18 -11.08
N THR A 215 -11.07 -19.57 -9.83
CA THR A 215 -9.74 -19.48 -9.24
C THR A 215 -8.75 -20.35 -9.98
N MET A 216 -9.15 -21.57 -10.32
CA MET A 216 -8.28 -22.47 -11.07
C MET A 216 -7.94 -21.90 -12.47
N ASP A 217 -8.96 -21.39 -13.16
CA ASP A 217 -8.75 -20.75 -14.45
C ASP A 217 -7.75 -19.60 -14.35
N LEU A 218 -7.97 -18.71 -13.38
CA LEU A 218 -7.09 -17.57 -13.17
C LEU A 218 -5.66 -17.99 -12.84
N CYS A 219 -5.50 -19.08 -12.09
CA CYS A 219 -4.18 -19.61 -11.79
C CYS A 219 -3.42 -20.04 -13.03
N SER A 220 -4.08 -20.81 -13.89
CA SER A 220 -3.49 -21.23 -15.16
C SER A 220 -3.10 -20.04 -16.05
N LYS A 221 -4.00 -19.06 -16.15
CA LYS A 221 -3.72 -17.84 -16.90
C LYS A 221 -2.48 -17.18 -16.32
N LEU A 222 -2.40 -17.13 -14.99
CA LEU A 222 -1.23 -16.56 -14.34
C LEU A 222 0.04 -17.31 -14.74
N LYS A 223 -0.06 -18.63 -14.87
CA LYS A 223 1.06 -19.42 -15.35
C LYS A 223 1.40 -19.08 -16.79
N ASP A 224 0.39 -18.84 -17.62
CA ASP A 224 0.61 -18.45 -19.01
C ASP A 224 1.38 -17.14 -19.13
N TYR A 225 0.88 -16.10 -18.44
CA TYR A 225 1.48 -14.78 -18.52
C TYR A 225 2.82 -14.69 -17.80
N GLY A 226 3.19 -15.75 -17.09
CA GLY A 226 4.46 -15.80 -16.39
C GLY A 226 4.44 -15.09 -15.05
N LEU A 227 3.23 -14.91 -14.52
CA LEU A 227 3.05 -14.20 -13.26
C LEU A 227 2.92 -15.13 -12.05
N TRP A 228 3.00 -16.43 -12.26
CA TRP A 228 2.71 -17.40 -11.19
C TRP A 228 3.65 -17.35 -10.00
N GLN A 229 4.96 -17.28 -10.26
CA GLN A 229 5.93 -17.30 -9.18
C GLN A 229 5.85 -16.02 -8.36
N LEU A 230 5.51 -14.93 -9.03
CA LEU A 230 5.26 -13.66 -8.35
C LEU A 230 4.05 -13.78 -7.45
N PHE A 231 2.97 -14.35 -8.00
CA PHE A 231 1.73 -14.56 -7.27
C PHE A 231 1.97 -15.40 -6.02
N ARG A 232 2.54 -16.55 -6.20
CA ARG A 232 2.78 -17.40 -5.09
C ARG A 232 3.83 -16.93 -4.13
N THR A 233 4.97 -16.58 -4.65
CA THR A 233 6.07 -16.10 -3.81
C THR A 233 5.85 -14.78 -3.11
N LEU A 234 5.31 -13.81 -3.83
CA LEU A 234 5.23 -12.47 -3.32
C LEU A 234 3.91 -11.86 -2.90
N GLU A 235 2.90 -12.01 -3.72
CA GLU A 235 1.59 -11.49 -3.41
C GLU A 235 0.77 -12.25 -2.37
N LEU A 236 0.74 -13.56 -2.42
CA LEU A 236 -0.02 -14.40 -1.48
C LEU A 236 0.46 -14.39 -0.02
N PRO A 237 1.76 -14.58 0.23
CA PRO A 237 2.23 -14.55 1.63
C PRO A 237 2.00 -13.20 2.32
N LEU A 238 1.70 -12.17 1.54
CA LEU A 238 1.50 -10.82 2.08
C LEU A 238 0.12 -10.66 2.74
N ILE A 239 -0.86 -11.44 2.27
CA ILE A 239 -2.22 -11.38 2.77
C ILE A 239 -2.36 -11.45 4.30
N PRO A 240 -1.81 -12.51 4.94
CA PRO A 240 -1.96 -12.54 6.40
C PRO A 240 -1.22 -11.40 7.08
N ILE A 241 -0.15 -10.92 6.47
CA ILE A 241 0.59 -9.78 7.02
C ILE A 241 -0.28 -8.52 7.06
N LEU A 242 -0.94 -8.23 5.94
CA LEU A 242 -1.86 -7.09 5.88
C LEU A 242 -2.98 -7.27 6.89
N ALA A 243 -3.54 -8.49 6.95
CA ALA A 243 -4.61 -8.79 7.90
C ALA A 243 -4.17 -8.56 9.36
N VAL A 244 -2.93 -8.89 9.66
CA VAL A 244 -2.38 -8.68 11.00
C VAL A 244 -2.22 -7.20 11.29
N MET A 245 -1.71 -6.45 10.31
CA MET A 245 -1.58 -5.01 10.45
C MET A 245 -2.93 -4.32 10.67
N GLU A 246 -3.99 -4.88 10.06
CA GLU A 246 -5.33 -4.34 10.22
C GLU A 246 -5.98 -4.77 11.53
N SER A 247 -5.40 -5.76 12.19
CA SER A 247 -5.94 -6.28 13.45
C SER A 247 -5.30 -5.60 14.66
N HIS A 248 -4.39 -4.66 14.40
CA HIS A 248 -3.68 -3.95 15.45
C HIS A 248 -3.86 -2.44 15.29
N ALA A 249 -4.01 -1.74 16.41
CA ALA A 249 -4.23 -0.30 16.39
C ALA A 249 -3.06 0.48 17.00
N ILE A 250 -2.73 1.62 16.39
CA ILE A 250 -1.63 2.46 16.86
C ILE A 250 -2.21 3.59 17.70
N GLN A 251 -1.75 3.72 18.92
CA GLN A 251 -2.28 4.74 19.81
C GLN A 251 -1.93 6.11 19.37
N VAL A 252 -2.83 7.05 19.58
CA VAL A 252 -2.57 8.45 19.25
C VAL A 252 -3.04 9.38 20.36
N ASN A 253 -2.49 10.59 20.41
CA ASN A 253 -2.87 11.57 21.43
C ASN A 253 -4.09 12.39 21.00
N LYS A 254 -5.20 12.23 21.72
CA LYS A 254 -6.43 12.96 21.40
C LYS A 254 -6.30 14.36 21.98
N GLU A 255 -5.87 14.43 23.23
CA GLU A 255 -5.67 15.70 23.94
C GLU A 255 -4.85 16.77 23.18
N GLU A 256 -3.64 16.34 22.81
CA GLU A 256 -2.74 17.11 21.97
C GLU A 256 -3.26 17.58 20.61
N MET A 257 -3.90 16.66 19.92
CA MET A 257 -4.40 16.99 18.63
C MET A 257 -5.45 18.04 18.82
N GLU A 258 -6.24 17.86 19.85
CA GLU A 258 -7.40 18.68 20.00
C GLU A 258 -6.91 20.09 20.18
N LYS A 259 -5.87 20.24 20.97
CA LYS A 259 -5.32 21.56 21.17
C LYS A 259 -4.76 22.13 19.90
N THR A 260 -3.96 21.32 19.22
CA THR A 260 -3.21 21.83 18.12
C THR A 260 -4.17 22.30 17.09
N SER A 261 -5.16 21.48 16.86
CA SER A 261 -6.22 21.85 15.93
C SER A 261 -6.70 23.27 16.18
N ALA A 262 -7.00 23.58 17.45
CA ALA A 262 -7.41 24.93 17.82
C ALA A 262 -6.37 25.99 17.41
N LEU A 263 -5.12 25.74 17.77
CA LEU A 263 -4.01 26.64 17.46
C LEU A 263 -3.89 26.91 15.96
N LEU A 264 -3.82 25.83 15.18
CA LEU A 264 -3.71 25.93 13.73
C LEU A 264 -4.90 26.67 13.14
N GLY A 265 -6.08 26.46 13.72
CA GLY A 265 -7.26 27.20 13.31
C GLY A 265 -7.06 28.69 13.48
N ALA A 266 -6.56 29.08 14.65
CA ALA A 266 -6.26 30.49 14.92
C ALA A 266 -5.29 31.08 13.88
N ARG A 267 -4.17 30.38 13.66
CA ARG A 267 -3.19 30.82 12.68
C ARG A 267 -3.81 30.96 11.28
N LEU A 268 -4.66 30.01 10.93
CA LEU A 268 -5.38 30.06 9.65
C LEU A 268 -6.21 31.32 9.47
N LYS A 269 -6.94 31.70 10.52
CA LYS A 269 -7.73 32.94 10.45
C LYS A 269 -6.86 34.18 10.33
N GLU A 270 -5.74 34.19 11.07
CA GLU A 270 -4.77 35.28 10.97
C GLU A 270 -4.35 35.42 9.50
N LEU A 271 -3.92 34.30 8.92
CA LEU A 271 -3.45 34.28 7.53
C LEU A 271 -4.54 34.71 6.55
N GLU A 272 -5.78 34.30 6.80
CA GLU A 272 -6.91 34.70 5.96
C GLU A 272 -7.09 36.21 6.03
N GLN A 273 -6.99 36.75 7.24
CA GLN A 273 -7.11 38.20 7.43
C GLN A 273 -6.02 38.95 6.66
N GLU A 274 -4.78 38.49 6.79
CA GLU A 274 -3.66 39.11 6.08
C GLU A 274 -3.85 39.05 4.58
N ALA A 275 -4.33 37.91 4.10
CA ALA A 275 -4.58 37.69 2.68
C ALA A 275 -5.61 38.68 2.15
N HIS A 276 -6.74 38.76 2.84
CA HIS A 276 -7.79 39.71 2.47
C HIS A 276 -7.27 41.15 2.50
N PHE A 277 -6.39 41.43 3.47
CA PHE A 277 -5.74 42.73 3.58
C PHE A 277 -4.90 43.12 2.37
N VAL A 278 -3.95 42.26 2.01
CA VAL A 278 -2.98 42.60 0.96
C VAL A 278 -3.56 42.38 -0.43
N ALA A 279 -4.62 41.59 -0.55
CA ALA A 279 -5.23 41.35 -1.85
C ALA A 279 -6.06 42.54 -2.29
N GLY A 280 -6.52 43.33 -1.32
CA GLY A 280 -7.33 44.50 -1.61
C GLY A 280 -8.80 44.17 -1.78
N GLU A 281 -9.22 43.05 -1.23
CA GLU A 281 -10.61 42.60 -1.29
C GLU A 281 -10.79 41.31 -0.49
N ARG A 282 -12.05 40.98 -0.19
CA ARG A 282 -12.34 39.73 0.50
C ARG A 282 -12.67 38.64 -0.52
N PHE A 283 -11.82 37.63 -0.58
CA PHE A 283 -12.02 36.50 -1.48
C PHE A 283 -12.03 35.19 -0.70
N LEU A 284 -12.20 34.07 -1.40
CA LEU A 284 -12.23 32.78 -0.73
C LEU A 284 -10.82 32.20 -0.67
N ILE A 285 -10.29 32.12 0.54
CA ILE A 285 -8.90 31.75 0.76
C ILE A 285 -8.59 30.31 0.30
N THR A 286 -9.63 29.48 0.25
CA THR A 286 -9.48 28.09 -0.14
C THR A 286 -9.78 27.86 -1.62
N SER A 287 -10.20 28.92 -2.31
CA SER A 287 -10.49 28.84 -3.74
C SER A 287 -9.29 29.23 -4.58
N ASN A 288 -8.84 28.31 -5.43
CA ASN A 288 -7.71 28.58 -6.30
C ASN A 288 -8.11 29.39 -7.54
N ASN A 289 -9.39 29.36 -7.86
CA ASN A 289 -9.93 30.11 -9.00
C ASN A 289 -9.91 31.61 -8.71
N GLN A 290 -10.39 31.98 -7.53
CA GLN A 290 -10.42 33.39 -7.12
C GLN A 290 -9.01 33.94 -6.98
N LEU A 291 -8.11 33.15 -6.41
CA LEU A 291 -6.71 33.55 -6.29
C LEU A 291 -6.08 33.67 -7.66
N ARG A 292 -6.50 32.82 -8.58
CA ARG A 292 -6.03 32.85 -9.96
C ARG A 292 -6.45 34.15 -10.63
N GLU A 293 -7.67 34.59 -10.33
CA GLU A 293 -8.18 35.85 -10.88
C GLU A 293 -7.49 37.05 -10.25
N ILE A 294 -7.21 36.97 -8.96
CA ILE A 294 -6.57 38.07 -8.24
C ILE A 294 -5.11 38.26 -8.65
N LEU A 295 -4.32 37.19 -8.60
CA LEU A 295 -2.90 37.27 -8.92
C LEU A 295 -2.75 37.79 -10.35
N PHE A 296 -3.58 37.26 -11.25
CA PHE A 296 -3.41 37.51 -12.68
C PHE A 296 -4.37 38.44 -13.42
N GLY A 297 -5.67 38.26 -13.20
CA GLY A 297 -6.66 39.14 -13.83
C GLY A 297 -6.56 40.52 -13.21
N LYS A 298 -6.35 40.59 -11.90
CA LYS A 298 -6.33 41.86 -11.19
C LYS A 298 -4.97 42.53 -10.94
N LEU A 299 -4.07 41.83 -10.26
CA LEU A 299 -2.77 42.39 -9.92
C LEU A 299 -1.86 42.29 -11.16
N LYS A 300 -2.21 41.40 -12.09
CA LYS A 300 -1.47 41.21 -13.33
C LYS A 300 0.02 40.97 -13.12
N LEU A 301 0.35 40.00 -12.27
CA LEU A 301 1.74 39.76 -11.90
C LEU A 301 2.51 38.93 -12.92
N HIS A 302 1.81 38.22 -13.80
CA HIS A 302 2.56 37.45 -14.77
C HIS A 302 3.30 38.37 -15.71
N LEU A 303 2.61 39.41 -16.14
CA LEU A 303 3.10 40.38 -17.09
C LEU A 303 4.23 41.17 -16.53
N LEU A 304 4.33 41.20 -15.22
CA LEU A 304 5.21 42.08 -14.52
C LEU A 304 6.53 41.38 -14.55
N SER A 305 7.50 41.85 -13.79
CA SER A 305 8.87 41.48 -14.03
C SER A 305 9.06 40.03 -14.39
N GLN A 306 8.37 39.14 -13.70
CA GLN A 306 8.49 37.73 -14.01
C GLN A 306 7.45 37.35 -15.03
N ARG A 307 7.89 37.39 -16.28
CA ARG A 307 7.15 36.94 -17.43
C ARG A 307 7.95 35.75 -17.93
N ASN A 308 7.28 34.62 -18.10
CA ASN A 308 7.91 33.44 -18.66
C ASN A 308 8.74 32.77 -17.60
N SER A 309 8.77 33.34 -16.41
CA SER A 309 9.30 32.61 -15.27
C SER A 309 8.32 31.48 -15.09
N LEU A 310 7.06 31.84 -15.26
CA LEU A 310 5.92 30.97 -15.23
C LEU A 310 5.96 30.14 -16.50
N PRO A 311 5.14 29.11 -16.57
CA PRO A 311 5.40 27.97 -17.42
C PRO A 311 5.50 28.44 -18.84
N ARG A 312 4.61 29.36 -19.13
CA ARG A 312 4.53 30.05 -20.41
C ARG A 312 3.92 31.30 -19.86
N THR A 313 3.58 32.24 -20.73
CA THR A 313 2.77 33.34 -20.28
C THR A 313 1.57 32.77 -19.53
N GLY A 314 1.22 31.51 -19.84
CA GLY A 314 0.24 30.77 -19.11
C GLY A 314 0.46 29.31 -19.35
N LEU A 315 -0.17 28.48 -18.54
CA LEU A 315 -0.53 27.15 -18.93
C LEU A 315 -1.61 27.19 -20.02
N GLN A 316 -2.58 28.08 -19.84
CA GLN A 316 -3.58 28.39 -20.88
C GLN A 316 -3.63 29.89 -21.18
N LYS A 317 -4.43 30.64 -20.43
CA LYS A 317 -4.41 32.09 -20.50
C LYS A 317 -3.53 32.62 -19.40
N TYR A 318 -3.75 32.08 -18.22
CA TYR A 318 -3.18 32.58 -17.00
C TYR A 318 -2.51 31.40 -16.40
N PRO A 319 -1.45 31.62 -15.71
CA PRO A 319 -0.69 30.46 -15.18
C PRO A 319 -1.49 29.83 -14.05
N SER A 320 -1.02 28.70 -13.52
CA SER A 320 -1.68 28.08 -12.38
C SER A 320 -1.31 28.71 -11.05
N THR A 321 -1.93 28.23 -9.97
CA THR A 321 -1.62 28.72 -8.63
C THR A 321 -0.60 27.82 -7.94
N SER A 322 -0.07 26.85 -8.68
CA SER A 322 0.86 25.86 -8.15
C SER A 322 2.07 26.48 -7.46
N GLU A 323 2.60 25.76 -6.46
CA GLU A 323 3.69 26.25 -5.61
C GLU A 323 4.90 26.76 -6.40
N ALA A 324 5.13 26.21 -7.59
CA ALA A 324 6.20 26.69 -8.45
C ALA A 324 5.92 28.13 -8.89
N VAL A 325 4.74 28.33 -9.48
CA VAL A 325 4.31 29.65 -9.92
C VAL A 325 4.32 30.66 -8.78
N LEU A 326 3.81 30.24 -7.62
CA LEU A 326 3.75 31.11 -6.46
C LEU A 326 5.13 31.48 -5.93
N ASN A 327 6.05 30.51 -5.96
CA ASN A 327 7.42 30.76 -5.54
C ASN A 327 8.16 31.65 -6.52
N ALA A 328 7.74 31.63 -7.77
CA ALA A 328 8.32 32.54 -8.76
C ALA A 328 7.91 33.99 -8.48
N LEU A 329 6.74 34.16 -7.88
CA LEU A 329 6.17 35.48 -7.65
C LEU A 329 6.41 36.04 -6.24
N ARG A 330 7.11 35.30 -5.40
CA ARG A 330 7.23 35.65 -3.98
C ARG A 330 7.93 36.99 -3.70
N ASP A 331 8.59 37.55 -4.70
CA ASP A 331 9.20 38.85 -4.53
C ASP A 331 8.36 39.99 -5.05
N LEU A 332 7.52 39.71 -6.03
CA LEU A 332 6.64 40.70 -6.59
C LEU A 332 5.56 41.26 -5.69
N HIS A 333 4.93 40.42 -4.88
CA HIS A 333 3.76 40.84 -4.14
C HIS A 333 3.78 40.05 -2.88
N PRO A 334 3.13 40.52 -1.81
CA PRO A 334 3.19 39.83 -0.51
C PRO A 334 2.19 38.66 -0.34
N LEU A 335 1.26 38.58 -1.27
CA LEU A 335 0.19 37.58 -1.29
C LEU A 335 0.61 36.11 -1.48
N PRO A 336 1.46 35.80 -2.48
CA PRO A 336 1.85 34.40 -2.70
C PRO A 336 2.42 33.69 -1.46
N LYS A 337 3.29 34.36 -0.72
CA LYS A 337 3.88 33.79 0.49
C LYS A 337 2.78 33.45 1.51
N ILE A 338 1.85 34.38 1.68
CA ILE A 338 0.70 34.20 2.57
C ILE A 338 -0.11 32.99 2.16
N ILE A 339 -0.46 32.91 0.88
CA ILE A 339 -1.20 31.77 0.35
C ILE A 339 -0.47 30.46 0.62
N LEU A 340 0.85 30.48 0.46
CA LEU A 340 1.67 29.30 0.70
C LEU A 340 1.61 28.83 2.15
N GLU A 341 1.87 29.73 3.09
CA GLU A 341 1.81 29.38 4.51
C GLU A 341 0.41 28.90 4.89
N TYR A 342 -0.61 29.56 4.34
CA TYR A 342 -1.98 29.14 4.58
C TYR A 342 -2.21 27.71 4.11
N ARG A 343 -1.73 27.40 2.91
CA ARG A 343 -1.87 26.06 2.35
C ARG A 343 -1.19 25.02 3.22
N GLN A 344 0.02 25.35 3.68
CA GLN A 344 0.77 24.45 4.56
C GLN A 344 0.01 24.15 5.85
N VAL A 345 -0.32 25.21 6.59
CA VAL A 345 -1.01 25.06 7.87
C VAL A 345 -2.36 24.36 7.71
N HIS A 346 -3.11 24.73 6.68
CA HIS A 346 -4.40 24.12 6.39
C HIS A 346 -4.25 22.63 6.11
N LYS A 347 -3.20 22.27 5.37
CA LYS A 347 -2.92 20.87 5.09
C LYS A 347 -2.71 20.11 6.39
N ILE A 348 -1.76 20.59 7.20
CA ILE A 348 -1.48 19.95 8.48
C ILE A 348 -2.73 19.78 9.36
N LYS A 349 -3.42 20.86 9.61
CA LYS A 349 -4.62 20.77 10.42
C LYS A 349 -5.72 19.97 9.80
N SER A 350 -6.04 20.25 8.56
CA SER A 350 -7.14 19.58 7.91
C SER A 350 -6.92 18.11 7.79
N THR A 351 -5.73 17.68 7.43
CA THR A 351 -5.52 16.28 7.16
C THR A 351 -4.82 15.57 8.25
N PHE A 352 -3.78 16.14 8.81
CA PHE A 352 -2.98 15.40 9.77
C PHE A 352 -3.49 15.44 11.17
N VAL A 353 -4.48 16.28 11.39
CA VAL A 353 -5.07 16.35 12.70
C VAL A 353 -6.56 16.21 12.78
N ASP A 354 -7.30 16.99 12.03
CA ASP A 354 -8.73 16.88 12.04
C ASP A 354 -9.24 15.59 11.49
N GLY A 355 -8.64 15.15 10.41
CA GLY A 355 -8.94 13.90 9.72
C GLY A 355 -8.43 12.69 10.48
N LEU A 356 -7.31 12.86 11.19
CA LEU A 356 -6.75 11.78 11.99
C LEU A 356 -7.56 11.59 13.27
N LEU A 357 -8.25 12.65 13.69
CA LEU A 357 -9.18 12.55 14.82
C LEU A 357 -10.44 11.83 14.38
N ALA A 358 -10.81 12.00 13.12
CA ALA A 358 -12.02 11.37 12.58
C ALA A 358 -11.84 9.87 12.35
N CYS A 359 -10.62 9.40 12.38
CA CYS A 359 -10.37 8.00 12.12
C CYS A 359 -10.34 7.17 13.37
N MET A 360 -9.93 7.77 14.46
CA MET A 360 -9.61 7.01 15.64
C MET A 360 -10.80 6.40 16.29
N LYS A 361 -10.56 5.28 16.97
CA LYS A 361 -11.44 4.70 17.96
C LYS A 361 -10.60 4.36 19.17
N LYS A 362 -11.09 4.68 20.36
CA LYS A 362 -10.40 4.26 21.57
C LYS A 362 -8.95 4.66 21.73
N GLY A 363 -8.61 5.89 21.40
CA GLY A 363 -7.26 6.40 21.61
C GLY A 363 -6.28 5.91 20.55
N SER A 364 -6.80 5.38 19.46
CA SER A 364 -5.96 4.71 18.47
C SER A 364 -6.59 4.62 17.08
N ILE A 365 -5.77 4.38 16.08
CA ILE A 365 -6.23 4.25 14.70
C ILE A 365 -5.61 3.04 14.02
N SER A 366 -6.30 2.49 13.02
CA SER A 366 -5.76 1.41 12.21
C SER A 366 -6.09 1.64 10.74
N SER A 367 -5.07 1.61 9.90
CA SER A 367 -5.24 1.87 8.47
C SER A 367 -5.73 0.63 7.73
N THR A 368 -6.53 0.83 6.69
CA THR A 368 -6.95 -0.26 5.82
C THR A 368 -5.99 -0.39 4.65
N TRP A 369 -5.47 -1.59 4.43
CA TRP A 369 -4.46 -1.81 3.40
C TRP A 369 -5.03 -2.43 2.13
N ASN A 370 -4.60 -1.92 0.98
CA ASN A 370 -5.07 -2.41 -0.32
C ASN A 370 -3.93 -2.96 -1.15
N GLN A 371 -3.96 -4.26 -1.42
CA GLN A 371 -2.93 -4.94 -2.18
C GLN A 371 -3.11 -4.71 -3.68
N THR A 372 -4.36 -4.61 -4.10
CA THR A 372 -4.68 -4.39 -5.51
C THR A 372 -4.80 -2.90 -5.84
N GLY A 373 -4.46 -2.07 -4.85
CA GLY A 373 -4.61 -0.63 -4.96
C GLY A 373 -3.97 0.06 -6.16
N THR A 374 -2.72 -0.26 -6.48
CA THR A 374 -1.99 0.49 -7.49
C THR A 374 -1.68 -0.29 -8.77
N VAL A 375 -1.13 0.40 -9.77
CA VAL A 375 -0.65 -0.26 -10.97
C VAL A 375 0.85 -0.54 -10.92
N THR A 376 1.52 0.04 -9.94
CA THR A 376 2.97 -0.11 -9.80
C THR A 376 3.33 -1.29 -8.90
N GLY A 377 2.31 -1.85 -8.26
CA GLY A 377 2.52 -2.96 -7.33
C GLY A 377 2.77 -2.48 -5.92
N ARG A 378 2.64 -1.19 -5.70
CA ARG A 378 2.80 -0.62 -4.36
C ARG A 378 1.54 -0.83 -3.54
N LEU A 379 1.69 -0.86 -2.22
CA LEU A 379 0.54 -0.90 -1.32
C LEU A 379 -0.05 0.50 -1.20
N SER A 380 -1.34 0.58 -0.90
CA SER A 380 -1.96 1.86 -0.57
C SER A 380 -2.69 1.72 0.76
N ALA A 381 -2.79 2.79 1.51
CA ALA A 381 -3.34 2.68 2.83
C ALA A 381 -4.35 3.75 2.92
N LYS A 382 -5.40 3.51 3.66
CA LYS A 382 -6.53 4.35 3.59
C LYS A 382 -7.12 4.56 4.96
N HIS A 383 -7.60 5.76 5.20
CA HIS A 383 -8.44 6.00 6.34
C HIS A 383 -7.89 5.54 7.67
N PRO A 384 -6.62 5.95 8.12
CA PRO A 384 -6.02 7.08 7.40
C PRO A 384 -4.79 6.67 6.66
N ASN A 385 -4.37 7.48 5.71
CA ASN A 385 -3.26 7.11 4.90
C ASN A 385 -2.06 7.43 5.72
N ILE A 386 -1.40 6.40 6.18
CA ILE A 386 -0.25 6.53 7.07
C ILE A 386 1.03 6.64 6.24
N GLN A 387 0.88 6.42 4.94
CA GLN A 387 1.98 6.59 4.01
C GLN A 387 2.15 8.05 3.60
N GLY A 388 1.11 8.85 3.83
CA GLY A 388 1.11 10.24 3.43
C GLY A 388 1.26 11.23 4.56
N ILE A 389 1.71 10.76 5.72
CA ILE A 389 1.85 11.61 6.89
C ILE A 389 3.15 12.41 6.82
N SER A 390 3.08 13.69 7.20
CA SER A 390 4.22 14.59 7.10
C SER A 390 5.48 14.12 7.82
N LYS A 391 6.58 14.05 7.08
CA LYS A 391 7.84 13.53 7.62
C LYS A 391 8.57 14.57 8.47
N HIS A 392 8.62 15.80 7.97
CA HIS A 392 9.35 16.86 8.67
C HIS A 392 8.43 17.77 9.46
N PRO A 393 8.74 17.97 10.75
CA PRO A 393 7.92 18.82 11.62
C PRO A 393 7.98 20.27 11.14
N ILE A 394 6.82 20.91 11.04
CA ILE A 394 6.77 22.28 10.53
C ILE A 394 6.66 23.29 11.67
N GLN A 395 7.31 24.44 11.47
CA GLN A 395 7.34 25.48 12.48
C GLN A 395 6.30 26.56 12.17
N ILE A 396 5.53 26.95 13.19
CA ILE A 396 4.66 28.10 13.08
C ILE A 396 4.90 29.10 14.20
N THR A 397 4.52 30.34 13.93
CA THR A 397 4.59 31.43 14.90
C THR A 397 3.27 31.50 15.63
N THR A 398 3.30 31.25 16.94
CA THR A 398 2.07 31.18 17.73
C THR A 398 1.35 32.52 17.80
N PRO A 399 0.03 32.49 17.63
CA PRO A 399 -0.84 33.63 17.93
C PRO A 399 -1.17 33.60 19.42
N LYS A 400 -2.06 34.49 19.87
CA LYS A 400 -2.46 34.49 21.27
C LYS A 400 -3.80 35.18 21.46
N LYS A 408 6.13 32.76 21.33
CA LYS A 408 7.26 31.85 21.30
C LYS A 408 7.29 31.10 19.97
N ILE A 409 8.34 30.31 19.75
CA ILE A 409 8.44 29.48 18.57
C ILE A 409 7.58 28.23 18.77
N LEU A 410 6.80 27.86 17.76
CA LEU A 410 5.98 26.65 17.91
C LEU A 410 6.36 25.58 16.90
N THR A 411 6.70 24.39 17.39
CA THR A 411 7.01 23.28 16.51
C THR A 411 5.86 22.26 16.48
N ILE A 412 5.53 21.78 15.28
CA ILE A 412 4.42 20.85 15.13
C ILE A 412 4.78 19.64 14.26
N SER A 413 4.77 18.46 14.86
CA SER A 413 5.07 17.22 14.15
C SER A 413 3.88 16.27 14.12
N PRO A 414 3.36 15.99 12.92
CA PRO A 414 2.25 15.04 12.73
C PRO A 414 2.64 13.62 13.10
N ARG A 415 3.88 13.24 12.81
CA ARG A 415 4.33 11.87 13.12
C ARG A 415 4.59 11.68 14.61
N ALA A 416 4.67 12.78 15.35
CA ALA A 416 4.86 12.71 16.79
C ALA A 416 3.56 12.32 17.48
N MET A 417 2.47 12.31 16.73
CA MET A 417 1.16 11.96 17.25
C MET A 417 1.05 10.45 17.47
N PHE A 418 1.82 9.70 16.70
CA PHE A 418 1.77 8.24 16.78
C PHE A 418 2.81 7.74 17.78
N VAL A 419 2.33 7.17 18.88
CA VAL A 419 3.21 6.71 19.95
C VAL A 419 3.06 5.21 20.21
N SER A 420 4.14 4.57 20.64
CA SER A 420 4.10 3.15 20.97
C SER A 420 3.37 2.97 22.29
N SER A 421 2.87 1.76 22.52
CA SER A 421 2.18 1.47 23.77
C SER A 421 3.14 0.87 24.79
N LYS A 422 3.52 1.64 25.78
CA LYS A 422 4.54 1.14 26.67
C LYS A 422 3.97 -0.08 27.31
N GLY A 423 4.83 -1.03 27.60
CA GLY A 423 6.22 -0.78 27.31
C GLY A 423 6.61 -1.39 25.99
N HIS A 424 6.62 -0.56 24.96
CA HIS A 424 7.05 -0.96 23.65
C HIS A 424 7.65 0.25 23.01
N THR A 425 8.47 0.02 22.01
CA THR A 425 9.05 1.10 21.30
C THR A 425 8.97 0.79 19.86
N PHE A 426 8.92 1.82 19.05
CA PHE A 426 8.91 1.73 17.61
C PHE A 426 10.31 1.49 17.06
N LEU A 427 10.42 0.54 16.13
CA LEU A 427 11.65 0.26 15.42
C LEU A 427 11.44 0.43 13.92
N ALA A 428 12.10 1.42 13.33
CA ALA A 428 11.94 1.72 11.91
C ALA A 428 13.14 1.29 11.09
N ALA A 429 12.86 0.62 9.97
CA ALA A 429 13.89 0.16 9.05
C ALA A 429 13.69 0.77 7.67
N ASP A 430 14.61 1.64 7.27
CA ASP A 430 14.53 2.30 5.97
C ASP A 430 15.48 1.68 4.96
N PHE A 431 15.03 1.53 3.72
CA PHE A 431 15.91 1.16 2.63
C PHE A 431 16.55 2.43 2.09
N SER A 432 17.87 2.51 2.17
CA SER A 432 18.57 3.74 1.82
C SER A 432 18.69 3.93 0.32
N GLN A 433 18.16 5.05 -0.16
CA GLN A 433 18.23 5.43 -1.57
C GLN A 433 17.86 4.31 -2.53
N ILE A 434 16.84 3.53 -2.17
CA ILE A 434 16.51 2.30 -2.90
C ILE A 434 16.21 2.51 -4.39
N GLU A 435 15.53 3.60 -4.73
CA GLU A 435 15.26 3.92 -6.13
C GLU A 435 16.54 4.08 -6.93
N LEU A 436 17.50 4.82 -6.36
CA LEU A 436 18.78 5.06 -7.01
C LEU A 436 19.56 3.76 -7.21
N ARG A 437 19.47 2.86 -6.23
CA ARG A 437 20.19 1.59 -6.29
C ARG A 437 19.56 0.64 -7.30
N ILE A 438 18.24 0.62 -7.34
CA ILE A 438 17.51 -0.13 -8.35
C ILE A 438 17.90 0.38 -9.73
N LEU A 439 17.96 1.71 -9.87
CA LEU A 439 18.34 2.34 -11.12
C LEU A 439 19.77 1.98 -11.52
N THR A 440 20.65 1.90 -10.54
CA THR A 440 22.02 1.47 -10.77
C THR A 440 22.05 0.04 -11.29
N HIS A 441 21.31 -0.83 -10.62
CA HIS A 441 21.21 -2.23 -11.00
C HIS A 441 20.70 -2.41 -12.43
N LEU A 442 19.68 -1.63 -12.78
CA LEU A 442 19.04 -1.74 -14.09
C LEU A 442 19.92 -1.17 -15.20
N SER A 443 20.49 0.01 -14.96
CA SER A 443 21.33 0.66 -15.95
C SER A 443 22.68 -0.02 -16.03
N GLY A 444 23.20 -0.45 -14.89
CA GLY A 444 24.52 -1.03 -14.81
C GLY A 444 25.60 0.01 -15.04
N ASP A 445 25.26 1.27 -14.76
CA ASP A 445 26.18 2.39 -14.97
C ASP A 445 27.43 2.26 -14.11
N PRO A 446 28.60 2.41 -14.73
CA PRO A 446 29.91 2.24 -14.06
C PRO A 446 30.12 3.19 -12.89
N GLU A 447 29.78 4.46 -13.07
CA GLU A 447 30.03 5.48 -12.05
C GLU A 447 29.10 5.34 -10.85
N LEU A 448 27.82 5.06 -11.10
CA LEU A 448 26.86 4.85 -10.03
C LEU A 448 27.20 3.56 -9.27
N LEU A 449 27.66 2.55 -10.00
CA LEU A 449 28.06 1.29 -9.37
C LEU A 449 29.32 1.52 -8.54
N LYS A 450 30.14 2.47 -8.97
CA LYS A 450 31.34 2.86 -8.22
C LYS A 450 30.94 3.63 -6.97
N LEU A 451 29.82 4.32 -7.05
CA LEU A 451 29.35 5.21 -5.99
C LEU A 451 29.04 4.52 -4.66
N PHE A 452 28.46 3.32 -4.73
CA PHE A 452 27.94 2.66 -3.53
C PHE A 452 28.97 1.79 -2.79
N GLN A 453 30.14 1.60 -3.38
CA GLN A 453 31.15 0.74 -2.78
C GLN A 453 32.14 1.54 -1.93
N ARG A 457 28.46 3.61 1.15
CA ARG A 457 28.55 3.28 2.57
C ARG A 457 28.28 4.52 3.42
N ASP A 458 28.92 5.63 3.07
CA ASP A 458 28.83 6.86 3.85
C ASP A 458 28.14 8.01 3.10
N ASP A 459 26.94 8.36 3.52
CA ASP A 459 26.19 9.50 2.98
C ASP A 459 26.15 9.63 1.46
N VAL A 460 25.64 8.60 0.81
CA VAL A 460 25.76 8.45 -0.64
C VAL A 460 25.44 9.66 -1.53
N PHE A 461 24.42 10.42 -1.19
CA PHE A 461 24.01 11.54 -2.03
C PHE A 461 25.03 12.68 -2.09
N SER A 462 25.73 12.91 -0.99
CA SER A 462 26.81 13.90 -0.96
C SER A 462 27.94 13.49 -1.89
N THR A 463 28.39 12.24 -1.75
CA THR A 463 29.46 11.71 -2.58
C THR A 463 29.05 11.69 -4.05
N LEU A 464 27.75 11.54 -4.30
CA LEU A 464 27.22 11.62 -5.66
C LEU A 464 27.32 13.04 -6.19
N THR A 465 26.96 14.00 -5.33
CA THR A 465 27.06 15.41 -5.69
C THR A 465 28.50 15.78 -6.04
N SER A 466 29.44 15.25 -5.27
CA SER A 466 30.86 15.52 -5.51
C SER A 466 31.34 14.86 -6.80
N GLN A 467 31.05 13.56 -6.94
CA GLN A 467 31.48 12.80 -8.12
C GLN A 467 30.94 13.40 -9.41
N TRP A 468 29.71 13.88 -9.36
CA TRP A 468 29.11 14.55 -10.52
C TRP A 468 29.73 15.91 -10.76
N LYS A 469 29.71 16.76 -9.74
CA LYS A 469 30.15 18.14 -9.90
C LYS A 469 31.66 18.31 -9.95
N ASP A 470 32.39 17.22 -9.71
CA ASP A 470 33.85 17.23 -9.73
C ASP A 470 34.41 18.22 -8.70
N VAL A 471 33.56 18.58 -7.77
CA VAL A 471 33.94 19.49 -6.73
C VAL A 471 33.97 18.59 -5.54
N PRO A 472 34.99 18.68 -4.74
CA PRO A 472 35.23 17.68 -3.72
C PRO A 472 34.60 18.10 -2.42
N VAL A 473 33.78 19.14 -2.40
CA VAL A 473 33.37 19.72 -1.13
C VAL A 473 32.81 18.68 -0.21
N GLU A 474 33.35 18.65 1.00
CA GLU A 474 33.14 17.54 1.89
C GLU A 474 31.67 17.31 2.08
N GLN A 475 30.98 18.36 2.51
CA GLN A 475 29.53 18.39 2.50
C GLN A 475 29.22 19.71 1.83
N VAL A 476 29.12 19.67 0.51
CA VAL A 476 29.02 20.87 -0.26
C VAL A 476 27.55 21.24 -0.17
N THR A 477 27.13 22.23 -0.93
CA THR A 477 25.86 22.83 -0.67
C THR A 477 24.71 21.84 -0.53
N HIS A 478 24.01 22.03 0.58
CA HIS A 478 22.78 21.36 0.99
C HIS A 478 21.72 21.59 -0.07
N ALA A 479 21.71 22.79 -0.64
CA ALA A 479 20.77 23.12 -1.71
C ALA A 479 21.00 22.26 -2.94
N ASP A 480 22.27 21.96 -3.22
CA ASP A 480 22.64 21.09 -4.32
C ASP A 480 22.28 19.67 -3.92
N ARG A 481 22.59 19.32 -2.68
CA ARG A 481 22.20 18.03 -2.14
C ARG A 481 20.72 17.81 -2.46
N GLU A 482 19.96 18.90 -2.35
CA GLU A 482 18.57 18.92 -2.78
C GLU A 482 18.38 19.00 -4.29
N GLN A 483 19.28 19.71 -4.97
CA GLN A 483 19.26 19.80 -6.42
C GLN A 483 19.59 18.45 -7.06
N THR A 484 20.65 17.83 -6.56
CA THR A 484 21.07 16.50 -7.01
C THR A 484 19.92 15.50 -6.83
N LYS A 485 19.29 15.54 -5.66
CA LYS A 485 18.15 14.67 -5.38
C LYS A 485 17.00 14.94 -6.34
N LYS A 486 16.68 16.21 -6.55
CA LYS A 486 15.57 16.61 -7.41
C LYS A 486 15.76 16.22 -8.87
N VAL A 487 16.99 16.30 -9.37
CA VAL A 487 17.27 15.87 -10.74
C VAL A 487 17.31 14.34 -10.83
N VAL A 488 17.82 13.72 -9.77
CA VAL A 488 17.82 12.26 -9.67
C VAL A 488 16.40 11.72 -9.79
N TYR A 489 15.47 12.30 -9.04
CA TYR A 489 14.08 11.88 -9.10
C TYR A 489 13.39 12.38 -10.36
N ALA A 490 13.93 13.45 -10.94
CA ALA A 490 13.42 13.96 -12.21
C ALA A 490 13.62 12.90 -13.29
N VAL A 491 14.77 12.24 -13.26
CA VAL A 491 15.02 11.14 -14.19
C VAL A 491 14.43 9.80 -13.74
N VAL A 492 14.34 9.58 -12.43
CA VAL A 492 13.82 8.33 -11.87
C VAL A 492 12.36 8.13 -12.23
N TYR A 493 11.53 9.12 -11.92
CA TYR A 493 10.19 9.13 -12.47
C TYR A 493 10.38 9.95 -13.72
N GLY A 494 10.37 9.28 -14.87
CA GLY A 494 10.73 9.94 -16.10
C GLY A 494 9.56 10.53 -16.85
N ALA A 495 9.75 11.63 -17.56
CA ALA A 495 10.95 12.47 -17.48
C ALA A 495 10.53 13.86 -17.94
N GLY A 496 11.44 14.82 -17.90
CA GLY A 496 11.23 16.06 -18.64
C GLY A 496 12.10 17.23 -18.24
N LYS A 497 12.16 18.22 -19.13
CA LYS A 497 12.82 19.48 -18.85
C LYS A 497 11.86 20.41 -18.13
N GLU A 498 10.60 20.37 -18.52
CA GLU A 498 9.57 21.26 -17.99
C GLU A 498 9.24 20.96 -16.53
N ARG A 499 8.93 19.71 -16.24
CA ARG A 499 8.52 19.30 -14.89
C ARG A 499 9.68 19.43 -13.92
N LEU A 500 10.88 19.15 -14.41
CA LEU A 500 12.04 19.25 -13.58
C LEU A 500 12.18 20.68 -13.19
N ALA A 501 11.98 21.53 -14.17
CA ALA A 501 12.17 22.95 -13.99
C ALA A 501 11.21 23.39 -12.93
N ALA A 502 9.99 22.86 -13.00
CA ALA A 502 8.99 23.23 -12.04
C ALA A 502 9.44 22.83 -10.65
N CYS A 503 9.97 21.63 -10.49
CA CYS A 503 10.44 21.26 -9.17
C CYS A 503 11.49 22.16 -8.57
N LEU A 504 12.51 22.45 -9.36
CA LEU A 504 13.60 23.24 -8.82
C LEU A 504 13.48 24.62 -9.37
N GLY A 505 13.86 25.64 -8.60
CA GLY A 505 13.55 26.99 -8.99
C GLY A 505 14.55 27.58 -9.95
N VAL A 506 14.45 27.16 -11.20
CA VAL A 506 15.33 27.65 -12.24
C VAL A 506 14.64 27.52 -13.58
N PRO A 507 15.11 28.26 -14.56
CA PRO A 507 14.42 28.28 -15.85
C PRO A 507 14.53 26.99 -16.63
N ILE A 508 13.65 26.82 -17.62
CA ILE A 508 13.57 25.60 -18.44
C ILE A 508 14.91 25.16 -19.02
N GLN A 509 15.64 26.10 -19.62
CA GLN A 509 16.92 25.79 -20.24
C GLN A 509 17.94 25.29 -19.21
N GLU A 510 17.99 25.96 -18.06
CA GLU A 510 18.92 25.58 -17.00
C GLU A 510 18.62 24.17 -16.48
N ALA A 511 17.32 23.86 -16.40
CA ALA A 511 16.88 22.54 -15.98
C ALA A 511 17.27 21.48 -17.01
N ALA A 512 17.13 21.83 -18.28
CA ALA A 512 17.49 20.93 -19.38
C ALA A 512 18.98 20.66 -19.39
N GLN A 513 19.78 21.68 -19.11
CA GLN A 513 21.22 21.56 -19.09
C GLN A 513 21.68 20.75 -17.89
N PHE A 514 21.04 20.96 -16.75
CA PHE A 514 21.30 20.17 -15.54
C PHE A 514 21.00 18.70 -15.79
N LEU A 515 19.83 18.46 -16.36
CA LEU A 515 19.36 17.13 -16.74
C LEU A 515 20.34 16.41 -17.67
N GLU A 516 20.66 17.03 -18.79
CA GLU A 516 21.50 16.38 -19.81
C GLU A 516 22.96 16.31 -19.35
N SER A 517 23.35 17.18 -18.43
CA SER A 517 24.67 17.07 -17.81
C SER A 517 24.72 15.78 -17.01
N PHE A 518 23.67 15.56 -16.21
CA PHE A 518 23.57 14.36 -15.40
C PHE A 518 23.52 13.09 -16.27
N LEU A 519 22.72 13.14 -17.33
CA LEU A 519 22.55 12.00 -18.22
C LEU A 519 23.76 11.73 -19.10
N GLN A 520 24.58 12.76 -19.34
CA GLN A 520 25.79 12.56 -20.13
C GLN A 520 27.00 12.27 -19.23
N LYS A 521 26.81 12.43 -17.92
CA LYS A 521 27.82 11.98 -16.97
C LYS A 521 27.64 10.48 -16.77
N TYR A 522 26.38 10.05 -16.66
CA TYR A 522 26.08 8.64 -16.59
C TYR A 522 25.31 8.24 -17.85
N LYS A 523 25.98 7.54 -18.75
CA LYS A 523 25.44 7.26 -20.07
C LYS A 523 24.41 6.13 -20.02
N LYS A 524 24.70 5.13 -19.19
CA LYS A 524 23.89 3.92 -19.14
C LYS A 524 22.40 4.17 -18.92
N ILE A 525 22.08 5.19 -18.13
CA ILE A 525 20.69 5.46 -17.77
C ILE A 525 19.82 5.73 -19.00
N LYS A 526 20.35 6.50 -19.93
CA LYS A 526 19.68 6.79 -21.19
C LYS A 526 19.47 5.49 -21.96
N ASP A 527 20.49 4.64 -21.95
CA ASP A 527 20.44 3.34 -22.62
C ASP A 527 19.39 2.43 -21.98
N PHE A 528 19.32 2.46 -20.66
CA PHE A 528 18.31 1.68 -19.94
C PHE A 528 16.91 2.13 -20.30
N ALA A 529 16.70 3.44 -20.31
CA ALA A 529 15.40 4.00 -20.66
C ALA A 529 14.99 3.61 -22.07
N ARG A 530 15.90 3.84 -23.02
CA ARG A 530 15.68 3.48 -24.42
C ARG A 530 15.34 1.99 -24.56
N ALA A 531 16.04 1.16 -23.79
CA ALA A 531 15.83 -0.28 -23.83
C ALA A 531 14.44 -0.63 -23.29
N ALA A 532 14.03 0.04 -22.24
CA ALA A 532 12.71 -0.19 -21.64
C ALA A 532 11.61 0.20 -22.63
N ILE A 533 11.78 1.33 -23.30
CA ILE A 533 10.83 1.77 -24.30
C ILE A 533 10.77 0.79 -25.46
N ALA A 534 11.94 0.28 -25.86
CA ALA A 534 12.03 -0.72 -26.93
C ALA A 534 11.28 -1.99 -26.56
N GLN A 535 11.46 -2.44 -25.33
CA GLN A 535 10.75 -3.62 -24.81
C GLN A 535 9.25 -3.38 -24.81
N CYS A 536 8.83 -2.21 -24.40
CA CYS A 536 7.43 -1.99 -24.32
C CYS A 536 6.73 -2.10 -25.63
N HIS A 537 7.29 -1.46 -26.62
CA HIS A 537 6.64 -1.40 -27.89
C HIS A 537 6.61 -2.77 -28.51
N GLN A 538 7.65 -3.53 -28.25
CA GLN A 538 7.72 -4.85 -28.81
C GLN A 538 6.68 -5.81 -28.26
N THR A 539 6.67 -5.96 -26.95
CA THR A 539 5.74 -6.81 -26.25
C THR A 539 4.36 -6.25 -26.07
N GLY A 540 4.34 -4.96 -25.88
CA GLY A 540 3.13 -4.23 -25.54
C GLY A 540 2.93 -4.00 -24.05
N CYS A 541 3.96 -4.36 -23.28
CA CYS A 541 3.95 -4.13 -21.84
C CYS A 541 5.39 -3.98 -21.37
N VAL A 542 5.56 -3.72 -20.07
CA VAL A 542 6.91 -3.64 -19.50
C VAL A 542 6.97 -4.45 -18.20
N VAL A 543 8.14 -4.98 -17.86
CA VAL A 543 8.24 -5.91 -16.74
C VAL A 543 9.27 -5.49 -15.69
N SER A 544 8.90 -5.62 -14.41
CA SER A 544 9.80 -5.30 -13.30
C SER A 544 10.80 -6.43 -13.08
N ILE A 545 11.58 -6.33 -12.01
CA ILE A 545 12.58 -7.35 -11.69
C ILE A 545 11.96 -8.72 -11.44
N MET A 546 11.00 -8.78 -10.52
CA MET A 546 10.42 -10.05 -10.10
C MET A 546 9.29 -10.52 -11.01
N GLY A 547 9.03 -9.77 -12.07
CA GLY A 547 8.12 -10.22 -13.11
C GLY A 547 6.75 -9.59 -13.16
N ARG A 548 6.51 -8.58 -12.32
CA ARG A 548 5.25 -7.86 -12.40
C ARG A 548 5.19 -7.09 -13.71
N ARG A 549 4.07 -7.19 -14.42
CA ARG A 549 3.95 -6.55 -15.73
C ARG A 549 2.96 -5.38 -15.74
N ARG A 550 3.28 -4.41 -16.58
CA ARG A 550 2.52 -3.17 -16.74
C ARG A 550 2.20 -3.02 -18.22
N PRO A 551 1.01 -3.47 -18.63
CA PRO A 551 0.54 -3.30 -20.01
C PRO A 551 0.32 -1.83 -20.35
N LEU A 552 0.84 -1.40 -21.50
CA LEU A 552 0.69 -0.02 -21.93
C LEU A 552 0.37 0.03 -23.42
N PRO A 553 -0.90 -0.23 -23.78
CA PRO A 553 -1.33 -0.29 -25.18
C PRO A 553 -1.13 1.02 -25.93
N ARG A 554 -1.16 2.13 -25.18
CA ARG A 554 -1.00 3.46 -25.79
C ARG A 554 0.41 3.69 -26.30
N ILE A 555 1.31 2.74 -26.05
CA ILE A 555 2.64 2.77 -26.64
C ILE A 555 2.51 2.59 -28.15
N HIS A 556 1.40 1.98 -28.58
CA HIS A 556 1.14 1.76 -30.00
C HIS A 556 0.28 2.87 -30.61
N ALA A 557 -0.09 3.85 -29.79
CA ALA A 557 -0.97 4.93 -30.23
C ALA A 557 -0.32 5.81 -31.29
N HIS A 558 -1.14 6.32 -32.22
CA HIS A 558 -0.66 7.22 -33.26
C HIS A 558 -0.48 8.64 -32.74
N ASP A 559 -1.28 9.02 -31.75
CA ASP A 559 -1.10 10.30 -31.08
C ASP A 559 0.25 10.27 -30.39
N GLN A 560 1.08 11.27 -30.67
CA GLN A 560 2.45 11.29 -30.15
C GLN A 560 2.52 11.67 -28.68
N GLN A 561 1.54 12.42 -28.20
CA GLN A 561 1.49 12.79 -26.80
C GLN A 561 1.17 11.57 -25.94
N LEU A 562 0.17 10.80 -26.36
CA LEU A 562 -0.18 9.56 -25.69
C LEU A 562 0.99 8.59 -25.72
N ARG A 563 1.61 8.49 -26.89
CA ARG A 563 2.75 7.60 -27.12
C ARG A 563 3.89 7.94 -26.16
N ALA A 564 4.26 9.21 -26.11
CA ALA A 564 5.32 9.69 -25.23
C ALA A 564 4.96 9.46 -23.76
N GLN A 565 3.69 9.63 -23.42
CA GLN A 565 3.23 9.39 -22.05
C GLN A 565 3.43 7.92 -21.69
N ALA A 566 3.06 7.04 -22.60
CA ALA A 566 3.22 5.61 -22.41
C ALA A 566 4.69 5.26 -22.24
N GLU A 567 5.56 5.95 -22.99
CA GLU A 567 7.00 5.75 -22.85
C GLU A 567 7.48 6.14 -21.46
N ARG A 568 7.08 7.32 -21.00
CA ARG A 568 7.42 7.80 -19.66
C ARG A 568 6.96 6.83 -18.57
N GLN A 569 5.72 6.37 -18.69
CA GLN A 569 5.16 5.40 -17.75
C GLN A 569 5.96 4.10 -17.77
N ALA A 570 6.34 3.67 -18.96
CA ALA A 570 7.13 2.44 -19.12
C ALA A 570 8.47 2.55 -18.40
N VAL A 571 9.14 3.69 -18.59
CA VAL A 571 10.42 3.92 -17.92
C VAL A 571 10.25 3.98 -16.39
N ASN A 572 9.19 4.63 -15.93
CA ASN A 572 8.94 4.75 -14.49
C ASN A 572 8.60 3.42 -13.80
N PHE A 573 7.78 2.61 -14.45
CA PHE A 573 7.29 1.37 -13.85
C PHE A 573 8.39 0.37 -13.51
N VAL A 574 9.47 0.36 -14.27
CA VAL A 574 10.54 -0.59 -13.99
C VAL A 574 11.15 -0.30 -12.63
N VAL A 575 11.57 0.94 -12.42
CA VAL A 575 12.13 1.38 -11.16
C VAL A 575 11.14 1.26 -10.00
N GLN A 576 9.98 1.90 -10.16
CA GLN A 576 8.99 1.96 -9.08
C GLN A 576 8.47 0.56 -8.71
N GLY A 577 8.16 -0.23 -9.73
CA GLY A 577 7.68 -1.59 -9.54
C GLY A 577 8.72 -2.51 -8.95
N SER A 578 9.97 -2.36 -9.36
CA SER A 578 11.05 -3.17 -8.79
C SER A 578 11.23 -2.84 -7.31
N ALA A 579 11.23 -1.55 -6.99
CA ALA A 579 11.34 -1.12 -5.61
C ALA A 579 10.18 -1.67 -4.78
N ALA A 580 8.99 -1.66 -5.37
CA ALA A 580 7.80 -2.23 -4.72
C ALA A 580 8.01 -3.71 -4.43
N ASP A 581 8.50 -4.44 -5.43
CA ASP A 581 8.81 -5.86 -5.28
C ASP A 581 9.76 -6.09 -4.11
N LEU A 582 10.84 -5.32 -4.07
CA LEU A 582 11.82 -5.47 -3.00
C LEU A 582 11.26 -5.15 -1.61
N CYS A 583 10.41 -4.13 -1.54
CA CYS A 583 9.79 -3.77 -0.27
C CYS A 583 8.84 -4.87 0.23
N LYS A 584 8.02 -5.38 -0.67
CA LYS A 584 7.14 -6.51 -0.33
C LYS A 584 7.94 -7.73 0.12
N LEU A 585 9.04 -7.99 -0.59
CA LEU A 585 9.88 -9.14 -0.27
C LEU A 585 10.50 -9.01 1.12
N ALA A 586 11.00 -7.80 1.43
CA ALA A 586 11.56 -7.53 2.74
C ALA A 586 10.50 -7.72 3.82
N MET A 587 9.31 -7.19 3.55
CA MET A 587 8.16 -7.33 4.43
C MET A 587 7.93 -8.80 4.78
N ILE A 588 7.80 -9.62 3.73
CA ILE A 588 7.55 -11.06 3.89
C ILE A 588 8.67 -11.77 4.65
N HIS A 589 9.91 -11.50 4.27
CA HIS A 589 11.06 -12.17 4.90
C HIS A 589 11.20 -11.83 6.38
N VAL A 590 11.01 -10.56 6.73
CA VAL A 590 11.07 -10.16 8.13
C VAL A 590 9.91 -10.77 8.93
N PHE A 591 8.71 -10.68 8.36
CA PHE A 591 7.52 -11.24 9.01
C PHE A 591 7.70 -12.73 9.28
N THR A 592 8.20 -13.44 8.29
CA THR A 592 8.47 -14.87 8.40
C THR A 592 9.55 -15.14 9.45
N ALA A 593 10.61 -14.35 9.41
CA ALA A 593 11.72 -14.50 10.35
C ALA A 593 11.27 -14.36 11.81
N VAL A 594 10.46 -13.34 12.08
CA VAL A 594 9.95 -13.11 13.42
C VAL A 594 8.92 -14.18 13.83
N ALA A 595 8.02 -14.50 12.91
CA ALA A 595 6.96 -15.47 13.17
C ALA A 595 7.50 -16.81 13.67
N ALA A 596 8.73 -17.13 13.30
CA ALA A 596 9.38 -18.26 13.93
C ALA A 596 10.45 -17.81 14.89
N SER A 597 10.07 -17.50 16.11
CA SER A 597 11.04 -17.25 17.13
C SER A 597 10.41 -17.74 18.39
N HIS A 598 11.18 -18.35 19.26
CA HIS A 598 10.61 -18.65 20.54
C HIS A 598 10.27 -17.31 21.13
N THR A 599 11.18 -16.37 20.97
CA THR A 599 11.21 -15.18 21.82
C THR A 599 10.67 -13.85 21.33
N LEU A 600 10.61 -13.64 20.02
CA LEU A 600 10.43 -12.29 19.53
C LEU A 600 8.99 -11.92 19.29
N THR A 601 8.60 -10.81 19.88
CA THR A 601 7.24 -10.36 19.81
C THR A 601 7.05 -9.26 18.81
N ALA A 602 8.09 -8.91 18.07
CA ALA A 602 8.05 -7.73 17.26
C ALA A 602 6.92 -7.88 16.31
N ARG A 603 6.13 -6.84 16.15
CA ARG A 603 4.97 -6.93 15.31
C ARG A 603 5.04 -5.89 14.25
N LEU A 604 4.81 -6.28 13.01
CA LEU A 604 4.78 -5.29 11.95
C LEU A 604 3.57 -4.38 12.13
N VAL A 605 3.83 -3.09 12.20
CA VAL A 605 2.78 -2.10 12.36
C VAL A 605 2.33 -1.43 11.07
N ALA A 606 3.24 -0.96 10.26
CA ALA A 606 2.81 -0.37 9.03
C ALA A 606 3.96 -0.33 8.09
N GLN A 607 3.70 -0.15 6.81
CA GLN A 607 4.79 0.07 5.89
C GLN A 607 4.65 1.37 5.11
N ILE A 608 5.56 2.30 5.41
CA ILE A 608 5.80 3.49 4.60
C ILE A 608 6.70 2.96 3.50
N HIS A 609 6.45 3.34 2.26
CA HIS A 609 6.80 2.45 1.20
C HIS A 609 8.15 1.78 1.32
N ASP A 610 9.20 2.51 1.62
CA ASP A 610 10.51 1.91 1.72
C ASP A 610 10.96 1.79 3.14
N GLU A 611 10.05 2.06 4.06
CA GLU A 611 10.35 2.01 5.46
C GLU A 611 9.37 1.11 6.12
N LEU A 612 9.86 0.12 6.81
CA LEU A 612 9.05 -0.77 7.64
C LEU A 612 9.01 -0.25 9.08
N LEU A 613 7.80 -0.12 9.63
CA LEU A 613 7.64 0.34 11.01
C LEU A 613 7.08 -0.74 11.93
N PHE A 614 7.88 -1.09 12.93
CA PHE A 614 7.57 -2.17 13.86
C PHE A 614 7.27 -1.62 15.25
N GLU A 615 6.46 -2.35 16.01
CA GLU A 615 6.33 -2.10 17.44
C GLU A 615 6.89 -3.32 18.16
N VAL A 616 7.88 -3.11 19.02
CA VAL A 616 8.56 -4.23 19.65
C VAL A 616 8.71 -4.01 21.16
N GLU A 617 8.69 -5.11 21.93
CA GLU A 617 8.88 -5.06 23.37
C GLU A 617 10.22 -4.39 23.69
N ASP A 618 10.21 -3.49 24.67
CA ASP A 618 11.39 -2.72 25.06
C ASP A 618 12.69 -3.52 25.25
N PRO A 619 12.64 -4.66 25.97
CA PRO A 619 13.88 -5.43 26.11
C PRO A 619 14.36 -6.06 24.80
N GLN A 620 13.44 -6.40 23.91
CA GLN A 620 13.77 -7.14 22.69
C GLN A 620 14.45 -6.31 21.60
N ILE A 621 14.56 -5.00 21.82
CA ILE A 621 15.15 -4.09 20.82
C ILE A 621 16.48 -4.54 20.19
N PRO A 622 17.48 -4.92 21.01
CA PRO A 622 18.74 -5.33 20.37
C PRO A 622 18.61 -6.62 19.57
N GLU A 623 17.78 -7.54 20.05
CA GLU A 623 17.62 -8.84 19.40
C GLU A 623 16.90 -8.72 18.05
N CYS A 624 15.85 -7.91 18.02
CA CYS A 624 15.06 -7.75 16.79
C CYS A 624 15.75 -6.87 15.76
N ALA A 625 16.36 -5.77 16.22
CA ALA A 625 17.08 -4.86 15.33
C ALA A 625 18.20 -5.61 14.61
N ALA A 626 18.82 -6.54 15.31
CA ALA A 626 19.76 -7.47 14.69
C ALA A 626 19.06 -8.25 13.58
N LEU A 627 18.05 -9.02 13.96
CA LEU A 627 17.28 -9.85 13.04
C LEU A 627 16.76 -9.11 11.81
N VAL A 628 16.16 -7.94 12.03
CA VAL A 628 15.65 -7.11 10.92
C VAL A 628 16.67 -6.69 9.89
N ARG A 629 17.76 -6.11 10.34
CA ARG A 629 18.85 -5.64 9.43
C ARG A 629 19.48 -6.84 8.74
N ARG A 630 19.72 -7.91 9.50
CA ARG A 630 20.27 -9.14 8.93
C ARG A 630 19.39 -9.69 7.82
N THR A 631 18.09 -9.72 8.08
CA THR A 631 17.13 -10.26 7.13
C THR A 631 16.97 -9.37 5.89
N MET A 632 16.82 -8.07 6.12
CA MET A 632 16.58 -7.12 5.03
C MET A 632 17.79 -6.93 4.10
N GLU A 633 18.98 -6.87 4.68
CA GLU A 633 20.20 -6.66 3.88
C GLU A 633 20.56 -7.86 3.03
N SER A 634 20.07 -9.03 3.43
CA SER A 634 20.39 -10.27 2.72
C SER A 634 19.49 -10.47 1.51
N LEU A 635 18.61 -9.50 1.28
CA LEU A 635 17.71 -9.52 0.14
C LEU A 635 18.45 -9.29 -1.17
N GLU A 636 19.71 -8.85 -1.08
CA GLU A 636 20.53 -8.62 -2.25
C GLU A 636 20.64 -9.90 -3.09
N GLN A 637 20.98 -10.99 -2.44
CA GLN A 637 20.95 -12.25 -3.14
C GLN A 637 19.86 -13.08 -2.55
N VAL A 638 18.89 -13.45 -3.37
CA VAL A 638 17.96 -14.49 -2.99
C VAL A 638 17.56 -15.41 -4.14
N GLN A 639 17.53 -16.71 -3.86
CA GLN A 639 16.90 -17.72 -4.71
C GLN A 639 15.80 -18.32 -3.86
N ALA A 640 14.57 -18.33 -4.37
CA ALA A 640 14.23 -17.87 -5.70
C ALA A 640 13.32 -16.64 -5.60
N LEU A 641 13.19 -15.88 -6.68
CA LEU A 641 13.60 -16.31 -7.99
C LEU A 641 15.04 -16.06 -8.21
N GLU A 642 15.42 -16.12 -9.47
CA GLU A 642 16.78 -15.87 -9.84
C GLU A 642 16.92 -14.37 -9.69
N LEU A 643 16.92 -13.98 -8.43
CA LEU A 643 17.08 -12.60 -8.10
C LEU A 643 18.49 -12.34 -7.63
N GLN A 644 19.18 -11.46 -8.32
CA GLN A 644 20.52 -11.10 -7.90
C GLN A 644 20.77 -9.64 -8.23
N LEU A 645 21.23 -8.87 -7.26
CA LEU A 645 21.40 -7.43 -7.45
C LEU A 645 22.86 -7.05 -7.67
N GLN A 646 23.07 -6.07 -8.55
CA GLN A 646 24.41 -5.57 -8.85
C GLN A 646 24.97 -4.69 -7.74
N VAL A 647 24.08 -4.25 -6.86
CA VAL A 647 24.46 -3.32 -5.78
C VAL A 647 23.86 -3.77 -4.45
N PRO A 648 24.62 -3.66 -3.36
CA PRO A 648 24.13 -4.06 -2.04
C PRO A 648 23.02 -3.14 -1.50
N LEU A 649 22.25 -3.63 -0.54
CA LEU A 649 21.17 -2.86 0.06
C LEU A 649 21.53 -2.42 1.48
N LYS A 650 21.69 -1.12 1.68
CA LYS A 650 21.98 -0.59 3.01
C LYS A 650 20.68 -0.32 3.76
N VAL A 651 20.61 -0.79 4.99
CA VAL A 651 19.42 -0.60 5.81
C VAL A 651 19.69 0.32 7.00
N SER A 652 18.87 1.36 7.14
CA SER A 652 19.02 2.32 8.23
C SER A 652 18.01 2.03 9.34
N LEU A 653 18.50 1.78 10.55
CA LEU A 653 17.60 1.48 11.67
C LEU A 653 17.47 2.67 12.62
N SER A 654 16.28 2.83 13.20
CA SER A 654 16.06 3.81 14.24
C SER A 654 15.03 3.29 15.25
N ALA A 655 15.01 3.88 16.44
CA ALA A 655 14.07 3.46 17.47
C ALA A 655 13.57 4.64 18.28
N GLY A 656 12.39 4.51 18.87
CA GLY A 656 11.87 5.57 19.71
C GLY A 656 10.47 5.34 20.26
N ARG A 657 10.11 6.09 21.29
CA ARG A 657 8.81 5.94 21.93
C ARG A 657 7.71 6.54 21.06
N SER A 658 8.10 7.50 20.22
CA SER A 658 7.17 8.14 19.30
C SER A 658 7.67 8.00 17.85
N TRP A 659 6.73 8.04 16.90
CA TRP A 659 7.08 7.91 15.49
C TRP A 659 7.78 9.16 14.98
N GLY A 660 7.41 10.31 15.52
CA GLY A 660 8.00 11.57 15.12
C GLY A 660 9.44 11.70 15.54
N HIS A 661 9.77 11.21 16.73
CA HIS A 661 11.13 11.27 17.23
C HIS A 661 11.72 9.87 17.33
N LEU A 662 12.66 9.57 16.42
CA LEU A 662 13.34 8.28 16.42
C LEU A 662 14.85 8.50 16.42
N VAL A 663 15.50 8.09 17.49
CA VAL A 663 16.96 8.20 17.57
C VAL A 663 17.62 7.02 16.86
N PRO A 664 18.58 7.30 15.98
CA PRO A 664 19.26 6.27 15.19
C PRO A 664 19.96 5.21 16.04
N LEU A 665 20.11 4.02 15.48
CA LEU A 665 20.67 2.89 16.21
C LEU A 665 21.80 2.27 15.40
N GLN A 666 22.89 1.90 16.08
CA GLN A 666 24.03 1.23 15.46
C GLN A 666 24.65 2.05 14.33
#